data_8XC3
#
_entry.id   8XC3
#
_cell.length_a   86.580
_cell.length_b   54.345
_cell.length_c   174.160
_cell.angle_alpha   90.00
_cell.angle_beta   103.96
_cell.angle_gamma   90.00
#
_symmetry.space_group_name_H-M   'C 1 2 1'
#
loop_
_entity.id
_entity.type
_entity.pdbx_description
1 polymer '2-oxoglutarate (2OG) and Fe(II)-dependent oxygenase superfamily protein'
2 non-polymer 'COBALT (II) ION'
3 non-polymer '2-OXOGLUTARIC ACID'
4 non-polymer 1,5-dimethyl-3-(2-methylphenyl)-6-(2-oxidanyl-6-oxidanylidene-cyclohexen-1-yl)carbonyl-quinazoline-2,4-dione
5 water water
#
_entity_poly.entity_id   1
_entity_poly.type   'polypeptide(L)'
_entity_poly.pdbx_seq_one_letter_code
;MADESWRVPTPVQELAAGVVEPPTQFVLQEQDRPGSGTLLFATDMPEPIPVVDLSRLAAADEASKLRSALETWGLFLVTK
HGIEASLMDDVMAASRDFFYQPLEAKQEYSNLIGGKRFQMEGYGNDMVKSKDQILDWQDRLQLRVEPQDERNLAYWPKHP
DSFRDLLEKYASKTKIVRNKVLRAMGKTLELGEDYFISQIGDRASAIARFNYYPPCPRPDLVFGIKPHSDGGAVTILLVD
KDVGGLQVQKDGVWYTVPSMPHTLLVNLGDSMEIMNNGIFKSPVHRVVTNAEKERLSLAMFYGVEGQRVLEPALGLLGEE
RPARYRKIMASDYIIGLRQGIAEGQRFIETLKI
;
_entity_poly.pdbx_strand_id   A,B
#
loop_
_chem_comp.id
_chem_comp.type
_chem_comp.name
_chem_comp.formula
92X non-polymer 1,5-dimethyl-3-(2-methylphenyl)-6-(2-oxidanyl-6-oxidanylidene-cyclohexen-1-yl)carbonyl-quinazoline-2,4-dione 'C24 H22 N2 O5'
AKG non-polymer '2-OXOGLUTARIC ACID' 'C5 H6 O5'
CO non-polymer 'COBALT (II) ION' 'Co 2'
#
# COMPACT_ATOMS: atom_id res chain seq x y z
N MET A 1 23.52 -6.91 -33.15
CA MET A 1 22.16 -7.05 -33.65
C MET A 1 21.63 -5.71 -34.15
N ALA A 2 21.41 -4.77 -33.23
CA ALA A 2 20.84 -3.47 -33.57
C ALA A 2 21.61 -2.36 -32.85
N ASP A 3 21.73 -1.21 -33.52
CA ASP A 3 22.40 -0.05 -32.97
C ASP A 3 21.38 0.84 -32.26
N GLU A 4 21.56 1.04 -30.96
CA GLU A 4 20.72 1.94 -30.17
C GLU A 4 21.56 3.09 -29.61
N SER A 5 22.45 3.65 -30.44
CA SER A 5 23.30 4.75 -29.95
C SER A 5 22.53 6.07 -29.83
N TRP A 6 21.21 6.09 -30.00
CA TRP A 6 20.41 7.26 -29.65
C TRP A 6 20.05 7.28 -28.17
N ARG A 7 20.27 6.19 -27.44
CA ARG A 7 20.08 6.18 -26.00
C ARG A 7 21.19 6.93 -25.26
N VAL A 8 22.23 7.35 -25.98
CA VAL A 8 23.39 7.98 -25.35
C VAL A 8 23.46 9.43 -25.83
N PRO A 9 22.78 10.36 -25.16
CA PRO A 9 22.83 11.75 -25.59
C PRO A 9 24.08 12.45 -25.12
N THR A 10 24.57 13.38 -25.97
CA THR A 10 25.64 14.28 -25.58
C THR A 10 25.08 15.38 -24.68
N PRO A 11 25.80 15.75 -23.62
CA PRO A 11 25.32 16.81 -22.73
C PRO A 11 24.94 18.07 -23.50
N VAL A 12 23.84 18.68 -23.06
CA VAL A 12 23.32 19.89 -23.69
C VAL A 12 24.30 21.05 -23.56
N GLN A 13 25.06 21.09 -22.47
CA GLN A 13 26.03 22.16 -22.33
C GLN A 13 27.02 22.17 -23.49
N GLU A 14 27.34 20.98 -24.03
CA GLU A 14 28.21 20.89 -25.19
C GLU A 14 27.47 21.25 -26.48
N LEU A 15 26.31 20.63 -26.69
CA LEU A 15 25.51 20.86 -27.89
C LEU A 15 25.05 22.31 -28.01
N ALA A 16 24.96 23.04 -26.90
CA ALA A 16 24.46 24.41 -26.93
C ALA A 16 25.54 25.43 -27.26
N ALA A 17 26.81 25.03 -27.25
CA ALA A 17 27.91 25.96 -27.46
C ALA A 17 27.83 26.61 -28.83
N GLY A 18 27.61 27.92 -28.86
CA GLY A 18 27.67 28.69 -30.10
C GLY A 18 26.57 28.46 -31.11
N VAL A 19 25.54 27.72 -30.78
CA VAL A 19 24.51 27.41 -31.77
C VAL A 19 23.58 28.61 -31.94
N VAL A 20 22.99 28.70 -33.14
CA VAL A 20 21.95 29.68 -33.44
C VAL A 20 20.62 29.03 -33.71
N GLU A 21 20.57 27.71 -33.85
CA GLU A 21 19.34 26.93 -33.86
C GLU A 21 19.47 25.80 -32.85
N PRO A 22 18.41 25.46 -32.13
CA PRO A 22 18.44 24.26 -31.32
C PRO A 22 18.49 23.04 -32.22
N PRO A 23 19.34 22.06 -31.91
CA PRO A 23 19.29 20.80 -32.66
C PRO A 23 17.87 20.22 -32.63
N THR A 24 17.56 19.42 -33.66
CA THR A 24 16.16 19.06 -33.91
C THR A 24 15.56 18.26 -32.74
N GLN A 25 16.36 17.47 -32.04
CA GLN A 25 15.85 16.59 -30.99
C GLN A 25 15.33 17.36 -29.78
N PHE A 26 15.50 18.69 -29.74
CA PHE A 26 14.95 19.51 -28.67
C PHE A 26 13.73 20.31 -29.09
N VAL A 27 13.34 20.28 -30.36
CA VAL A 27 12.31 21.20 -30.85
C VAL A 27 10.94 20.58 -30.63
N LEU A 28 10.08 21.32 -29.94
CA LEU A 28 8.73 20.87 -29.63
C LEU A 28 7.81 21.10 -30.82
N GLN A 29 6.78 20.26 -30.91
CA GLN A 29 5.69 20.54 -31.86
C GLN A 29 5.06 21.87 -31.49
N GLU A 30 4.55 22.56 -32.51
CA GLU A 30 4.08 23.94 -32.34
C GLU A 30 3.10 24.08 -31.19
N GLN A 31 2.13 23.17 -31.08
CA GLN A 31 1.12 23.31 -30.04
C GLN A 31 1.63 22.93 -28.66
N ASP A 32 2.84 22.39 -28.57
CA ASP A 32 3.43 22.02 -27.28
C ASP A 32 4.43 23.04 -26.76
N ARG A 33 4.76 24.05 -27.57
CA ARG A 33 5.80 25.00 -27.22
C ARG A 33 5.34 25.93 -26.09
N PRO A 34 6.29 26.47 -25.31
CA PRO A 34 5.91 27.26 -24.13
C PRO A 34 4.85 28.30 -24.38
N GLY A 35 4.96 29.04 -25.48
CA GLY A 35 3.93 30.00 -25.85
C GLY A 35 3.04 29.53 -26.99
N SER A 36 3.07 28.21 -27.24
CA SER A 36 2.28 27.54 -28.29
C SER A 36 2.61 28.07 -29.69
N GLY A 37 3.71 28.80 -29.85
CA GLY A 37 4.02 29.43 -31.12
C GLY A 37 4.36 30.90 -30.99
N THR A 38 3.90 31.52 -29.90
CA THR A 38 4.15 32.93 -29.63
C THR A 38 5.42 33.09 -28.78
N LEU A 39 5.77 34.34 -28.49
CA LEU A 39 6.86 34.67 -27.59
C LEU A 39 6.39 34.94 -26.16
N LEU A 40 5.08 34.87 -25.90
CA LEU A 40 4.52 35.10 -24.57
C LEU A 40 4.35 33.76 -23.87
N PHE A 41 5.25 33.46 -22.95
CA PHE A 41 5.30 32.13 -22.34
C PHE A 41 4.35 31.98 -21.17
N ALA A 42 4.12 33.04 -20.39
CA ALA A 42 3.40 32.84 -19.13
C ALA A 42 2.82 34.16 -18.64
N THR A 43 1.86 34.02 -17.73
CA THR A 43 1.20 35.12 -17.03
C THR A 43 1.90 35.37 -15.70
N ASP A 44 1.97 36.64 -15.30
CA ASP A 44 2.43 36.96 -13.96
C ASP A 44 1.51 36.35 -12.90
N MET A 45 2.12 35.85 -11.83
CA MET A 45 1.33 35.24 -10.78
C MET A 45 0.60 36.31 -9.99
N PRO A 46 -0.72 36.16 -9.79
CA PRO A 46 -1.47 37.20 -9.08
C PRO A 46 -1.27 37.13 -7.58
N GLU A 47 -1.57 38.25 -6.93
CA GLU A 47 -1.53 38.34 -5.48
C GLU A 47 -2.75 37.65 -4.88
N PRO A 48 -2.64 37.10 -3.66
CA PRO A 48 -1.44 37.08 -2.81
C PRO A 48 -0.39 36.06 -3.27
N ILE A 49 0.85 36.51 -3.40
CA ILE A 49 1.94 35.59 -3.75
C ILE A 49 2.13 34.59 -2.62
N PRO A 50 2.22 33.29 -2.91
CA PRO A 50 2.38 32.30 -1.83
C PRO A 50 3.74 32.36 -1.17
N VAL A 51 3.79 33.02 -0.01
CA VAL A 51 5.03 33.21 0.76
C VAL A 51 4.74 32.81 2.20
N VAL A 52 5.66 32.08 2.82
CA VAL A 52 5.46 31.58 4.17
C VAL A 52 6.72 31.85 5.01
N ASP A 53 6.56 32.64 6.07
CA ASP A 53 7.60 32.85 7.08
C ASP A 53 7.70 31.59 7.93
N LEU A 54 8.76 30.80 7.72
CA LEU A 54 8.85 29.50 8.37
C LEU A 54 9.08 29.62 9.87
N SER A 55 9.70 30.73 10.30
CA SER A 55 9.96 30.88 11.72
C SER A 55 8.69 31.18 12.51
N ARG A 56 7.66 31.70 11.85
CA ARG A 56 6.40 32.06 12.51
C ARG A 56 5.28 31.08 12.20
N LEU A 57 5.62 29.86 11.79
CA LEU A 57 4.62 28.93 11.28
C LEU A 57 3.62 28.52 12.35
N ALA A 58 3.98 28.64 13.63
CA ALA A 58 3.07 28.32 14.72
C ALA A 58 2.00 29.39 14.94
N ALA A 59 2.10 30.55 14.30
CA ALA A 59 1.08 31.58 14.39
C ALA A 59 -0.05 31.29 13.41
N ALA A 60 -1.28 31.59 13.83
CA ALA A 60 -2.45 31.21 13.05
C ALA A 60 -2.49 31.93 11.71
N ASP A 61 -2.12 33.21 11.68
CA ASP A 61 -2.15 33.93 10.40
C ASP A 61 -1.09 33.39 9.44
N GLU A 62 0.01 32.84 9.95
CA GLU A 62 1.00 32.23 9.07
C GLU A 62 0.56 30.84 8.64
N ALA A 63 -0.04 30.06 9.54
CA ALA A 63 -0.61 28.78 9.16
C ALA A 63 -1.69 28.96 8.08
N SER A 64 -2.48 30.03 8.19
CA SER A 64 -3.50 30.29 7.18
C SER A 64 -2.87 30.66 5.83
N LYS A 65 -1.71 31.29 5.84
CA LYS A 65 -1.02 31.57 4.58
C LYS A 65 -0.52 30.27 3.95
N LEU A 66 0.06 29.38 4.76
CA LEU A 66 0.53 28.11 4.24
C LEU A 66 -0.62 27.30 3.66
N ARG A 67 -1.74 27.21 4.38
CA ARG A 67 -2.86 26.46 3.86
C ARG A 67 -3.41 27.07 2.57
N SER A 68 -3.57 28.39 2.54
CA SER A 68 -4.04 29.05 1.32
C SER A 68 -3.10 28.80 0.15
N ALA A 69 -1.79 28.88 0.39
CA ALA A 69 -0.83 28.63 -0.68
C ALA A 69 -0.93 27.21 -1.21
N LEU A 70 -1.05 26.23 -0.30
CA LEU A 70 -1.07 24.85 -0.77
C LEU A 70 -2.37 24.52 -1.50
N GLU A 71 -3.49 25.11 -1.08
CA GLU A 71 -4.75 24.91 -1.79
C GLU A 71 -4.74 25.54 -3.16
N THR A 72 -4.13 26.71 -3.29
CA THR A 72 -4.23 27.48 -4.52
C THR A 72 -3.20 27.02 -5.56
N TRP A 73 -1.95 26.83 -5.12
CA TRP A 73 -0.83 26.59 -6.01
C TRP A 73 -0.11 25.26 -5.79
N GLY A 74 -0.25 24.64 -4.62
CA GLY A 74 0.53 23.47 -4.28
C GLY A 74 2.00 23.75 -4.05
N LEU A 75 2.37 25.02 -3.86
CA LEU A 75 3.75 25.39 -3.57
C LEU A 75 3.74 26.72 -2.84
N PHE A 76 4.90 27.11 -2.33
CA PHE A 76 5.06 28.43 -1.72
C PHE A 76 6.54 28.72 -1.58
N LEU A 77 6.88 30.01 -1.63
CA LEU A 77 8.19 30.45 -1.21
C LEU A 77 8.24 30.45 0.32
N VAL A 78 9.41 30.16 0.88
CA VAL A 78 9.64 30.23 2.32
C VAL A 78 10.72 31.27 2.62
N THR A 79 10.45 32.10 3.61
CA THR A 79 11.43 33.00 4.19
C THR A 79 11.76 32.53 5.60
N LYS A 80 12.89 33.00 6.12
CA LYS A 80 13.31 32.73 7.50
C LYS A 80 13.36 31.23 7.77
N HIS A 81 13.88 30.49 6.80
CA HIS A 81 13.92 29.03 6.79
C HIS A 81 15.10 28.45 7.56
N GLY A 82 16.00 29.27 8.08
CA GLY A 82 17.10 28.79 8.88
C GLY A 82 18.35 28.43 8.13
N ILE A 83 18.36 28.55 6.81
CA ILE A 83 19.53 28.23 6.00
C ILE A 83 20.27 29.51 5.68
N GLU A 84 21.52 29.60 6.10
CA GLU A 84 22.29 30.82 5.94
C GLU A 84 22.54 31.11 4.46
N ALA A 85 22.51 32.40 4.11
CA ALA A 85 22.73 32.79 2.72
C ALA A 85 24.09 32.32 2.23
N SER A 86 25.10 32.35 3.11
CA SER A 86 26.44 31.90 2.71
C SER A 86 26.43 30.44 2.30
N LEU A 87 25.62 29.61 2.97
CA LEU A 87 25.58 28.20 2.60
C LEU A 87 24.78 27.96 1.33
N MET A 88 23.68 28.71 1.13
CA MET A 88 22.97 28.62 -0.14
C MET A 88 23.88 29.07 -1.28
N ASP A 89 24.59 30.18 -1.10
CA ASP A 89 25.51 30.65 -2.14
C ASP A 89 26.62 29.64 -2.42
N ASP A 90 27.21 29.05 -1.37
CA ASP A 90 28.35 28.15 -1.56
C ASP A 90 27.95 26.86 -2.24
N VAL A 91 26.79 26.28 -1.87
CA VAL A 91 26.41 25.02 -2.52
C VAL A 91 26.10 25.25 -3.99
N MET A 92 25.57 26.42 -4.33
CA MET A 92 25.32 26.67 -5.74
C MET A 92 26.58 27.10 -6.46
N ALA A 93 27.54 27.68 -5.75
CA ALA A 93 28.86 27.95 -6.34
C ALA A 93 29.59 26.64 -6.63
N ALA A 94 29.52 25.69 -5.69
CA ALA A 94 30.11 24.37 -5.91
C ALA A 94 29.50 23.67 -7.12
N SER A 95 28.17 23.80 -7.28
CA SER A 95 27.51 23.24 -8.46
C SER A 95 28.04 23.89 -9.73
N ARG A 96 28.11 25.22 -9.74
CA ARG A 96 28.59 25.92 -10.93
C ARG A 96 30.03 25.53 -11.24
N ASP A 97 30.84 25.37 -10.19
CA ASP A 97 32.23 24.97 -10.38
C ASP A 97 32.31 23.61 -11.03
N PHE A 98 31.43 22.69 -10.63
CA PHE A 98 31.42 21.36 -11.25
C PHE A 98 31.02 21.43 -12.72
N PHE A 99 29.93 22.15 -13.03
CA PHE A 99 29.45 22.19 -14.41
C PHE A 99 30.43 22.92 -15.34
N TYR A 100 31.23 23.84 -14.79
CA TYR A 100 32.21 24.54 -15.61
C TYR A 100 33.44 23.72 -15.94
N GLN A 101 33.61 22.55 -15.34
CA GLN A 101 34.78 21.73 -15.62
C GLN A 101 34.69 21.11 -17.01
N PRO A 102 35.81 20.62 -17.56
CA PRO A 102 35.78 19.99 -18.88
C PRO A 102 34.91 18.75 -18.88
N LEU A 103 34.33 18.46 -20.05
CA LEU A 103 33.48 17.29 -20.22
C LEU A 103 34.14 16.03 -19.70
N GLU A 104 35.43 15.84 -20.00
CA GLU A 104 36.18 14.70 -19.48
C GLU A 104 36.08 14.58 -17.98
N ALA A 105 36.26 15.70 -17.27
CA ALA A 105 36.24 15.68 -15.81
C ALA A 105 34.85 15.32 -15.30
N LYS A 106 33.80 15.83 -15.95
CA LYS A 106 32.44 15.56 -15.50
C LYS A 106 32.03 14.12 -15.79
N GLN A 107 32.47 13.56 -16.92
CA GLN A 107 32.05 12.21 -17.28
C GLN A 107 32.66 11.15 -16.38
N GLU A 108 33.63 11.50 -15.53
CA GLU A 108 34.08 10.59 -14.50
C GLU A 108 32.95 10.23 -13.53
N TYR A 109 31.88 11.03 -13.49
CA TYR A 109 30.71 10.77 -12.67
C TYR A 109 29.47 10.44 -13.51
N SER A 110 29.67 10.02 -14.77
CA SER A 110 28.57 9.79 -15.70
C SER A 110 27.55 8.80 -15.17
N ASN A 111 26.26 9.07 -15.43
CA ASN A 111 25.16 8.15 -15.14
C ASN A 111 24.93 7.13 -16.23
N LEU A 112 25.86 7.02 -17.19
CA LEU A 112 25.78 6.05 -18.28
C LEU A 112 26.76 4.93 -17.96
N ILE A 113 26.23 3.82 -17.44
CA ILE A 113 27.08 2.70 -17.01
C ILE A 113 27.80 2.14 -18.22
N GLY A 114 29.13 2.05 -18.12
CA GLY A 114 29.93 1.62 -19.24
C GLY A 114 29.82 2.50 -20.47
N GLY A 115 29.34 3.73 -20.31
CA GLY A 115 29.13 4.64 -21.42
C GLY A 115 27.86 4.43 -22.20
N LYS A 116 26.97 3.53 -21.75
CA LYS A 116 25.80 3.17 -22.55
C LYS A 116 24.52 2.96 -21.76
N ARG A 117 24.57 2.58 -20.48
CA ARG A 117 23.40 2.16 -19.71
C ARG A 117 22.97 3.26 -18.74
N PHE A 118 21.83 3.88 -19.02
CA PHE A 118 21.29 4.89 -18.09
C PHE A 118 21.01 4.31 -16.71
N GLN A 119 21.42 5.03 -15.69
CA GLN A 119 20.90 4.93 -14.33
C GLN A 119 20.61 6.35 -13.87
N MET A 120 19.89 6.50 -12.75
CA MET A 120 19.50 7.84 -12.34
C MET A 120 20.64 8.62 -11.69
N GLU A 121 21.50 7.96 -10.91
CA GLU A 121 22.54 8.65 -10.16
C GLU A 121 23.71 9.01 -11.06
N GLY A 122 24.21 10.22 -10.91
CA GLY A 122 25.42 10.67 -11.60
C GLY A 122 25.16 11.85 -12.51
N TYR A 123 26.20 12.22 -13.25
CA TYR A 123 26.16 13.36 -14.16
C TYR A 123 25.68 12.94 -15.54
N GLY A 124 24.74 13.71 -16.09
CA GLY A 124 24.33 13.50 -17.47
C GLY A 124 22.94 13.98 -17.76
N ASN A 125 22.11 13.12 -18.35
CA ASN A 125 20.78 13.49 -18.77
C ASN A 125 19.77 12.43 -18.35
N ASP A 126 18.49 12.80 -18.45
CA ASP A 126 17.44 11.84 -18.17
C ASP A 126 17.38 10.80 -19.29
N MET A 127 16.71 9.69 -18.99
CA MET A 127 16.74 8.53 -19.88
C MET A 127 16.07 8.84 -21.21
N VAL A 128 16.73 8.43 -22.28
CA VAL A 128 16.18 8.52 -23.64
C VAL A 128 15.49 7.19 -23.94
N LYS A 129 14.17 7.21 -24.03
CA LYS A 129 13.43 5.97 -24.17
C LYS A 129 13.15 5.59 -25.61
N SER A 130 13.07 6.58 -26.51
CA SER A 130 12.81 6.29 -27.92
C SER A 130 13.55 7.27 -28.80
N LYS A 131 13.68 6.90 -30.09
CA LYS A 131 14.33 7.76 -31.06
C LYS A 131 13.61 9.10 -31.19
N ASP A 132 12.28 9.10 -31.16
CA ASP A 132 11.50 10.30 -31.46
C ASP A 132 11.23 11.16 -30.21
N GLN A 133 11.89 10.87 -29.10
CA GLN A 133 11.63 11.60 -27.87
C GLN A 133 12.24 12.99 -27.96
N ILE A 134 11.43 14.01 -27.67
CA ILE A 134 11.96 15.37 -27.59
C ILE A 134 12.68 15.53 -26.25
N LEU A 135 13.92 15.99 -26.32
CA LEU A 135 14.76 16.09 -25.14
C LEU A 135 14.65 17.47 -24.52
N ASP A 136 14.90 17.55 -23.22
CA ASP A 136 14.94 18.83 -22.54
C ASP A 136 16.29 19.51 -22.71
N TRP A 137 16.28 20.83 -22.54
CA TRP A 137 17.47 21.67 -22.73
C TRP A 137 18.17 21.88 -21.38
N GLN A 138 18.78 20.81 -20.89
CA GLN A 138 19.44 20.83 -19.58
C GLN A 138 20.30 19.61 -19.41
N ASP A 139 21.25 19.73 -18.51
CA ASP A 139 21.95 18.57 -17.96
C ASP A 139 21.70 18.54 -16.46
N ARG A 140 22.00 17.41 -15.83
CA ARG A 140 21.83 17.35 -14.38
C ARG A 140 22.78 16.36 -13.75
N LEU A 141 23.16 16.68 -12.53
CA LEU A 141 23.88 15.78 -11.63
C LEU A 141 22.90 15.40 -10.54
N GLN A 142 22.63 14.10 -10.41
CA GLN A 142 21.63 13.60 -9.47
C GLN A 142 22.29 12.63 -8.51
N LEU A 143 22.07 12.84 -7.21
CA LEU A 143 22.78 12.11 -6.15
C LEU A 143 21.81 11.66 -5.07
N ARG A 144 21.90 10.39 -4.69
CA ARG A 144 21.14 9.89 -3.55
C ARG A 144 21.81 10.33 -2.27
N VAL A 145 21.09 11.10 -1.46
CA VAL A 145 21.64 11.73 -0.25
C VAL A 145 21.19 10.97 0.99
N GLU A 146 19.98 10.44 0.95
CA GLU A 146 19.47 9.63 2.05
C GLU A 146 18.74 8.43 1.49
N PRO A 147 18.76 7.27 2.19
CA PRO A 147 19.46 6.98 3.44
C PRO A 147 20.98 7.02 3.30
N GLN A 148 21.66 7.48 4.35
CA GLN A 148 23.11 7.66 4.30
C GLN A 148 23.84 6.38 3.89
N ASP A 149 23.39 5.22 4.38
CA ASP A 149 24.10 3.98 4.08
C ASP A 149 23.80 3.44 2.70
N GLU A 150 23.00 4.15 1.89
CA GLU A 150 22.78 3.78 0.50
C GLU A 150 23.51 4.70 -0.49
N ARG A 151 24.15 5.76 -0.01
CA ARG A 151 24.88 6.66 -0.90
C ARG A 151 26.02 5.92 -1.58
N ASN A 152 26.29 6.29 -2.84
CA ASN A 152 27.45 5.79 -3.57
C ASN A 152 28.33 7.02 -3.78
N LEU A 153 29.30 7.20 -2.91
CA LEU A 153 30.12 8.40 -2.92
C LEU A 153 31.02 8.49 -4.15
N ALA A 154 31.14 7.42 -4.95
CA ALA A 154 31.89 7.46 -6.19
C ALA A 154 31.29 8.44 -7.21
N TYR A 155 30.01 8.74 -7.11
CA TYR A 155 29.35 9.70 -7.98
C TYR A 155 29.39 11.12 -7.45
N TRP A 156 29.92 11.31 -6.26
CA TRP A 156 29.95 12.65 -5.67
C TRP A 156 31.20 13.38 -6.14
N PRO A 157 31.07 14.54 -6.77
CA PRO A 157 32.25 15.27 -7.27
C PRO A 157 33.30 15.49 -6.20
N LYS A 158 34.55 15.12 -6.52
CA LYS A 158 35.67 15.35 -5.63
C LYS A 158 36.27 16.74 -5.77
N HIS A 159 35.94 17.47 -6.85
CA HIS A 159 36.38 18.83 -7.08
C HIS A 159 35.17 19.71 -7.43
N PRO A 160 34.97 20.84 -6.74
CA PRO A 160 35.84 21.30 -5.64
C PRO A 160 35.74 20.41 -4.41
N ASP A 161 36.81 20.35 -3.62
CA ASP A 161 36.90 19.31 -2.59
C ASP A 161 35.91 19.52 -1.44
N SER A 162 35.22 20.66 -1.41
CA SER A 162 34.22 20.90 -0.37
C SER A 162 32.80 20.62 -0.87
N PHE A 163 32.66 20.12 -2.09
CA PHE A 163 31.34 19.79 -2.64
C PHE A 163 30.56 18.87 -1.71
N ARG A 164 31.19 17.77 -1.27
CA ARG A 164 30.49 16.79 -0.45
C ARG A 164 30.06 17.39 0.89
N ASP A 165 30.96 18.10 1.55
CA ASP A 165 30.61 18.68 2.84
C ASP A 165 29.51 19.72 2.70
N LEU A 166 29.56 20.52 1.63
CA LEU A 166 28.52 21.52 1.42
C LEU A 166 27.18 20.86 1.16
N LEU A 167 27.16 19.78 0.37
CA LEU A 167 25.88 19.14 0.09
C LEU A 167 25.32 18.47 1.33
N GLU A 168 26.19 17.83 2.12
CA GLU A 168 25.74 17.18 3.34
C GLU A 168 25.17 18.19 4.34
N LYS A 169 25.83 19.34 4.50
CA LYS A 169 25.33 20.36 5.40
C LYS A 169 24.01 20.94 4.90
N TYR A 170 23.94 21.24 3.61
CA TYR A 170 22.72 21.78 3.03
C TYR A 170 21.55 20.81 3.17
N ALA A 171 21.77 19.54 2.83
CA ALA A 171 20.71 18.54 2.91
C ALA A 171 20.21 18.37 4.33
N SER A 172 21.12 18.38 5.31
CA SER A 172 20.64 18.32 6.69
C SER A 172 19.82 19.56 7.04
N LYS A 173 20.12 20.69 6.41
CA LYS A 173 19.33 21.90 6.67
C LYS A 173 17.98 21.85 5.98
N THR A 174 17.90 21.28 4.77
CA THR A 174 16.60 21.17 4.10
C THR A 174 15.73 20.09 4.74
N LYS A 175 16.33 19.13 5.44
CA LYS A 175 15.50 18.14 6.13
C LYS A 175 14.73 18.80 7.28
N ILE A 176 15.38 19.74 7.97
CA ILE A 176 14.68 20.51 9.00
C ILE A 176 13.51 21.28 8.40
N VAL A 177 13.74 21.94 7.27
CA VAL A 177 12.68 22.67 6.59
C VAL A 177 11.54 21.73 6.20
N ARG A 178 11.89 20.58 5.63
CA ARG A 178 10.91 19.57 5.28
C ARG A 178 10.03 19.23 6.47
N ASN A 179 10.66 18.90 7.60
CA ASN A 179 9.89 18.48 8.78
C ASN A 179 9.01 19.61 9.32
N LYS A 180 9.50 20.85 9.30
CA LYS A 180 8.67 21.95 9.75
C LYS A 180 7.43 22.09 8.87
N VAL A 181 7.60 22.00 7.56
CA VAL A 181 6.44 22.08 6.66
C VAL A 181 5.49 20.92 6.89
N LEU A 182 6.04 19.70 7.06
CA LEU A 182 5.18 18.54 7.20
C LEU A 182 4.40 18.56 8.50
N ARG A 183 4.99 19.10 9.57
CA ARG A 183 4.26 19.22 10.82
C ARG A 183 3.12 20.22 10.69
N ALA A 184 3.35 21.34 10.00
CA ALA A 184 2.29 22.31 9.81
C ALA A 184 1.15 21.73 8.96
N MET A 185 1.48 20.81 8.04
CA MET A 185 0.48 20.20 7.18
C MET A 185 -0.34 19.16 7.94
N GLY A 186 0.33 18.31 8.72
CA GLY A 186 -0.40 17.40 9.59
C GLY A 186 -1.33 18.14 10.55
N LYS A 187 -0.87 19.27 11.06
CA LYS A 187 -1.69 20.05 11.99
C LYS A 187 -2.93 20.62 11.30
N THR A 188 -2.75 21.28 10.15
CA THR A 188 -3.90 21.87 9.48
C THR A 188 -4.88 20.81 8.99
N LEU A 189 -4.39 19.63 8.64
CA LEU A 189 -5.28 18.55 8.23
C LEU A 189 -5.86 17.80 9.40
N GLU A 190 -5.48 18.16 10.63
CA GLU A 190 -5.96 17.53 11.87
C GLU A 190 -5.58 16.05 11.92
N LEU A 191 -4.40 15.72 11.41
CA LEU A 191 -3.90 14.36 11.39
C LEU A 191 -2.83 14.10 12.44
N GLY A 192 -2.46 15.10 13.24
CA GLY A 192 -1.30 15.01 14.10
C GLY A 192 -0.07 15.58 13.43
N GLU A 193 0.78 16.27 14.20
CA GLU A 193 1.95 16.93 13.62
C GLU A 193 2.94 15.94 13.01
N ASP A 194 3.01 14.73 13.54
CA ASP A 194 4.00 13.78 13.05
C ASP A 194 3.44 12.82 12.02
N TYR A 195 2.21 13.03 11.55
CA TYR A 195 1.58 12.06 10.66
C TYR A 195 2.44 11.81 9.42
N PHE A 196 2.78 12.86 8.68
CA PHE A 196 3.45 12.65 7.39
C PHE A 196 4.90 12.25 7.58
N ILE A 197 5.55 12.75 8.62
CA ILE A 197 6.90 12.31 8.96
C ILE A 197 6.93 10.80 9.17
N SER A 198 5.91 10.26 9.84
CA SER A 198 5.86 8.81 10.09
C SER A 198 5.47 8.05 8.84
N GLN A 199 4.53 8.58 8.04
CA GLN A 199 4.19 7.96 6.76
C GLN A 199 5.41 7.88 5.85
N ILE A 200 6.18 8.95 5.77
CA ILE A 200 7.36 8.99 4.90
C ILE A 200 8.39 7.97 5.37
N GLY A 201 8.69 7.95 6.66
CA GLY A 201 9.56 6.91 7.19
C GLY A 201 11.01 7.35 7.30
N ASP A 202 11.71 6.77 8.27
CA ASP A 202 13.04 7.23 8.63
C ASP A 202 14.07 6.96 7.54
N ARG A 203 13.89 5.90 6.75
CA ARG A 203 14.82 5.55 5.68
C ARG A 203 14.34 6.00 4.31
N ALA A 204 13.45 6.99 4.24
CA ALA A 204 12.95 7.44 2.95
C ALA A 204 14.06 8.06 2.13
N SER A 205 13.91 7.94 0.81
CA SER A 205 14.89 8.53 -0.10
C SER A 205 14.89 10.04 -0.02
N ALA A 206 16.08 10.62 -0.07
CA ALA A 206 16.25 12.04 -0.33
C ALA A 206 17.27 12.13 -1.47
N ILE A 207 16.90 12.80 -2.54
CA ILE A 207 17.72 12.87 -3.74
C ILE A 207 18.01 14.33 -4.06
N ALA A 208 19.30 14.64 -4.28
CA ALA A 208 19.73 15.95 -4.78
C ALA A 208 19.82 15.94 -6.30
N ARG A 209 19.21 16.93 -6.94
CA ARG A 209 19.26 17.10 -8.38
C ARG A 209 19.76 18.51 -8.67
N PHE A 210 21.00 18.62 -9.15
CA PHE A 210 21.56 19.88 -9.59
C PHE A 210 21.24 20.02 -11.08
N ASN A 211 20.39 20.98 -11.42
CA ASN A 211 20.04 21.21 -12.82
C ASN A 211 20.91 22.30 -13.42
N TYR A 212 21.34 22.07 -14.65
CA TYR A 212 22.09 23.07 -15.40
C TYR A 212 21.37 23.32 -16.71
N TYR A 213 20.86 24.55 -16.86
CA TYR A 213 20.17 24.94 -18.08
C TYR A 213 21.06 25.88 -18.90
N PRO A 214 21.66 25.43 -19.99
CA PRO A 214 22.46 26.33 -20.83
C PRO A 214 21.57 27.39 -21.47
N PRO A 215 22.11 28.54 -21.86
CA PRO A 215 21.32 29.47 -22.69
C PRO A 215 20.85 28.76 -23.96
N CYS A 216 19.71 29.19 -24.47
CA CYS A 216 19.15 28.60 -25.66
C CYS A 216 18.89 29.73 -26.66
N PRO A 217 19.35 29.60 -27.91
CA PRO A 217 19.08 30.66 -28.89
C PRO A 217 17.60 30.84 -29.19
N ARG A 218 16.76 29.83 -28.95
CA ARG A 218 15.32 29.92 -29.25
C ARG A 218 14.52 29.35 -28.09
N PRO A 219 14.35 30.13 -27.02
CA PRO A 219 13.55 29.65 -25.87
C PRO A 219 12.11 29.31 -26.21
N ASP A 220 11.58 29.81 -27.32
CA ASP A 220 10.20 29.50 -27.70
C ASP A 220 10.05 28.08 -28.23
N LEU A 221 11.14 27.41 -28.56
CA LEU A 221 11.07 26.11 -29.23
C LEU A 221 11.32 24.91 -28.33
N VAL A 222 11.82 25.12 -27.11
CA VAL A 222 12.28 24.02 -26.26
C VAL A 222 11.74 24.21 -24.84
N PHE A 223 11.89 23.18 -24.02
CA PHE A 223 11.74 23.31 -22.58
C PHE A 223 13.08 23.07 -21.91
N GLY A 224 13.39 23.90 -20.91
CA GLY A 224 14.52 23.61 -20.05
C GLY A 224 14.30 22.34 -19.25
N ILE A 225 13.13 22.23 -18.63
CA ILE A 225 12.65 20.94 -18.15
C ILE A 225 11.15 20.92 -18.43
N LYS A 226 10.69 19.83 -19.03
CA LYS A 226 9.34 19.68 -19.54
C LYS A 226 8.30 19.68 -18.41
N PRO A 227 7.07 20.04 -18.73
CA PRO A 227 6.00 20.01 -17.72
C PRO A 227 5.95 18.67 -17.00
N HIS A 228 5.89 18.74 -15.69
CA HIS A 228 5.85 17.54 -14.87
C HIS A 228 5.40 17.93 -13.47
N SER A 229 4.97 16.92 -12.72
CA SER A 229 4.86 17.01 -11.28
C SER A 229 5.92 16.10 -10.67
N ASP A 230 6.46 16.52 -9.53
CA ASP A 230 7.41 15.69 -8.82
C ASP A 230 6.69 14.49 -8.18
N GLY A 231 7.37 13.34 -8.15
CA GLY A 231 6.70 12.10 -7.75
C GLY A 231 6.66 11.84 -6.26
N GLY A 232 7.59 12.41 -5.49
CA GLY A 232 7.69 12.14 -4.07
C GLY A 232 6.67 12.88 -3.22
N ALA A 233 7.06 13.13 -1.96
CA ALA A 233 6.19 13.82 -1.02
C ALA A 233 6.38 15.33 -1.05
N VAL A 234 7.62 15.79 -1.01
CA VAL A 234 7.86 17.23 -0.97
C VAL A 234 9.21 17.51 -1.61
N THR A 235 9.28 18.64 -2.28
CA THR A 235 10.50 19.11 -2.92
C THR A 235 10.88 20.45 -2.32
N ILE A 236 12.16 20.63 -2.02
CA ILE A 236 12.67 21.91 -1.57
C ILE A 236 13.67 22.35 -2.64
N LEU A 237 13.39 23.51 -3.24
CA LEU A 237 14.10 23.96 -4.43
C LEU A 237 14.84 25.26 -4.17
N LEU A 238 16.09 25.31 -4.64
CA LEU A 238 16.93 26.50 -4.54
C LEU A 238 17.34 26.90 -5.96
N VAL A 239 17.05 28.14 -6.34
CA VAL A 239 17.40 28.66 -7.67
C VAL A 239 18.54 29.65 -7.50
N ASP A 240 19.67 29.40 -8.18
CA ASP A 240 20.84 30.26 -8.02
C ASP A 240 20.59 31.64 -8.61
N LYS A 241 20.88 32.66 -7.81
CA LYS A 241 20.74 34.07 -8.20
C LYS A 241 19.31 34.40 -8.65
N ASP A 242 18.35 33.52 -8.35
CA ASP A 242 16.93 33.75 -8.65
C ASP A 242 16.67 33.95 -10.14
N VAL A 243 17.49 33.31 -10.99
CA VAL A 243 17.33 33.44 -12.45
C VAL A 243 15.99 32.88 -12.86
N GLY A 244 15.24 33.67 -13.63
CA GLY A 244 13.90 33.28 -14.00
C GLY A 244 13.87 32.06 -14.91
N GLY A 245 12.71 31.41 -14.96
CA GLY A 245 12.57 30.21 -15.76
C GLY A 245 11.46 29.33 -15.24
N LEU A 246 11.34 29.23 -13.92
CA LEU A 246 10.34 28.33 -13.33
C LEU A 246 8.93 28.88 -13.52
N GLN A 247 8.03 28.02 -13.99
CA GLN A 247 6.62 28.35 -14.17
C GLN A 247 5.76 27.21 -13.61
N VAL A 248 4.53 27.55 -13.22
CA VAL A 248 3.64 26.59 -12.60
C VAL A 248 2.29 26.69 -13.31
N GLN A 249 1.61 25.56 -13.44
CA GLN A 249 0.35 25.50 -14.16
C GLN A 249 -0.80 25.53 -13.17
N LYS A 250 -1.82 26.31 -13.48
CA LYS A 250 -3.04 26.32 -12.67
C LYS A 250 -4.22 26.54 -13.60
N ASP A 251 -5.16 25.61 -13.59
CA ASP A 251 -6.37 25.68 -14.42
C ASP A 251 -6.02 25.93 -15.88
N GLY A 252 -5.00 25.23 -16.37
CA GLY A 252 -4.57 25.31 -17.75
C GLY A 252 -3.71 26.50 -18.11
N VAL A 253 -3.52 27.45 -17.19
CA VAL A 253 -2.72 28.65 -17.47
C VAL A 253 -1.35 28.48 -16.84
N TRP A 254 -0.31 28.94 -17.53
CA TRP A 254 1.05 28.90 -17.01
C TRP A 254 1.41 30.24 -16.38
N TYR A 255 1.92 30.18 -15.16
CA TYR A 255 2.25 31.35 -14.35
C TYR A 255 3.73 31.35 -14.01
N THR A 256 4.35 32.51 -14.13
CA THR A 256 5.73 32.69 -13.69
C THR A 256 5.80 32.60 -12.17
N VAL A 257 6.65 31.69 -11.67
CA VAL A 257 6.88 31.60 -10.22
C VAL A 257 7.82 32.74 -9.86
N PRO A 258 7.37 33.69 -9.04
CA PRO A 258 8.22 34.83 -8.70
C PRO A 258 9.38 34.40 -7.80
N SER A 259 10.34 35.30 -7.69
CA SER A 259 11.53 35.09 -6.90
C SER A 259 11.58 36.12 -5.77
N MET A 260 12.20 35.71 -4.67
CA MET A 260 12.57 36.59 -3.59
C MET A 260 13.98 36.19 -3.18
N PRO A 261 14.86 37.16 -2.94
CA PRO A 261 16.24 36.81 -2.60
C PRO A 261 16.31 35.95 -1.35
N HIS A 262 17.20 34.97 -1.38
CA HIS A 262 17.57 34.13 -0.24
C HIS A 262 16.42 33.24 0.24
N THR A 263 15.38 33.08 -0.57
CA THR A 263 14.27 32.19 -0.22
C THR A 263 14.44 30.83 -0.91
N LEU A 264 13.64 29.87 -0.46
CA LEU A 264 13.53 28.57 -1.09
C LEU A 264 12.10 28.38 -1.56
N LEU A 265 11.90 27.39 -2.42
CA LEU A 265 10.57 27.03 -2.90
C LEU A 265 10.23 25.62 -2.40
N VAL A 266 9.06 25.49 -1.78
CA VAL A 266 8.54 24.19 -1.37
C VAL A 266 7.39 23.85 -2.28
N ASN A 267 7.43 22.67 -2.91
CA ASN A 267 6.29 22.22 -3.68
C ASN A 267 5.95 20.78 -3.30
N LEU A 268 4.66 20.46 -3.30
CA LEU A 268 4.23 19.12 -2.97
C LEU A 268 4.47 18.18 -4.13
N GLY A 269 4.63 16.89 -3.81
CA GLY A 269 4.74 15.85 -4.81
C GLY A 269 3.49 14.98 -4.91
N ASP A 270 3.49 14.09 -5.92
CA ASP A 270 2.31 13.27 -6.17
C ASP A 270 2.01 12.37 -4.97
N SER A 271 3.04 11.82 -4.35
CA SER A 271 2.84 10.96 -3.19
C SER A 271 2.07 11.67 -2.10
N MET A 272 2.34 12.97 -1.91
CA MET A 272 1.61 13.74 -0.92
C MET A 272 0.16 13.93 -1.34
N GLU A 273 -0.07 14.22 -2.63
CA GLU A 273 -1.44 14.37 -3.11
C GLU A 273 -2.29 13.15 -2.74
N ILE A 274 -1.75 11.95 -2.96
CA ILE A 274 -2.49 10.74 -2.61
C ILE A 274 -2.72 10.66 -1.10
N MET A 275 -1.64 10.83 -0.33
CA MET A 275 -1.73 10.69 1.13
C MET A 275 -2.71 11.67 1.74
N ASN A 276 -2.86 12.86 1.15
CA ASN A 276 -3.75 13.85 1.75
C ASN A 276 -5.09 13.94 1.03
N ASN A 277 -5.41 12.92 0.22
CA ASN A 277 -6.72 12.78 -0.44
C ASN A 277 -7.01 13.94 -1.37
N GLY A 278 -5.98 14.54 -1.96
CA GLY A 278 -6.21 15.61 -2.89
C GLY A 278 -6.62 16.94 -2.31
N ILE A 279 -6.69 17.07 -0.97
CA ILE A 279 -6.99 18.37 -0.38
C ILE A 279 -6.01 19.42 -0.92
N PHE A 280 -4.72 19.11 -0.84
CA PHE A 280 -3.68 19.84 -1.55
C PHE A 280 -3.16 18.97 -2.69
N LYS A 281 -2.84 19.58 -3.83
CA LYS A 281 -2.42 18.77 -4.97
C LYS A 281 -1.01 19.12 -5.41
N SER A 282 -0.43 18.18 -6.16
CA SER A 282 0.95 18.27 -6.65
C SER A 282 0.98 19.16 -7.87
N PRO A 283 1.69 20.30 -7.83
CA PRO A 283 1.62 21.23 -8.97
C PRO A 283 2.45 20.76 -10.16
N VAL A 284 1.88 20.92 -11.35
CA VAL A 284 2.62 20.74 -12.58
C VAL A 284 3.47 21.98 -12.81
N HIS A 285 4.76 21.78 -13.11
CA HIS A 285 5.67 22.89 -13.29
C HIS A 285 6.65 22.61 -14.43
N ARG A 286 7.32 23.66 -14.87
CA ARG A 286 8.25 23.59 -16.01
C ARG A 286 9.27 24.69 -15.90
N VAL A 287 10.35 24.54 -16.68
CA VAL A 287 11.37 25.58 -16.77
C VAL A 287 11.52 25.96 -18.23
N VAL A 288 11.37 27.25 -18.51
CA VAL A 288 11.67 27.80 -19.84
C VAL A 288 13.10 28.36 -19.82
N THR A 289 13.78 28.22 -20.94
CA THR A 289 15.15 28.72 -21.10
C THR A 289 15.14 30.20 -21.47
N ASN A 290 16.33 30.79 -21.52
CA ASN A 290 16.48 32.14 -22.03
C ASN A 290 17.72 32.21 -22.90
N ALA A 291 17.81 33.28 -23.68
CA ALA A 291 18.89 33.39 -24.66
C ALA A 291 20.19 33.93 -24.08
N GLU A 292 20.14 34.52 -22.89
CA GLU A 292 21.22 35.33 -22.37
C GLU A 292 22.15 34.58 -21.42
N LYS A 293 21.62 33.73 -20.53
CA LYS A 293 22.50 33.15 -19.53
C LYS A 293 22.04 31.76 -19.11
N GLU A 294 22.99 31.00 -18.58
CA GLU A 294 22.71 29.70 -18.00
C GLU A 294 21.97 29.85 -16.68
N ARG A 295 21.19 28.85 -16.34
CA ARG A 295 20.38 28.83 -15.13
C ARG A 295 20.74 27.59 -14.34
N LEU A 296 20.92 27.74 -13.03
CA LEU A 296 21.25 26.64 -12.14
C LEU A 296 20.22 26.53 -11.01
N SER A 297 19.78 25.32 -10.74
CA SER A 297 18.93 25.05 -9.58
C SER A 297 19.36 23.78 -8.89
N LEU A 298 18.95 23.65 -7.62
CA LEU A 298 19.16 22.44 -6.84
C LEU A 298 17.83 22.04 -6.22
N ALA A 299 17.33 20.89 -6.62
CA ALA A 299 16.08 20.35 -6.06
C ALA A 299 16.44 19.23 -5.08
N MET A 300 15.84 19.28 -3.89
CA MET A 300 15.94 18.21 -2.91
C MET A 300 14.60 17.49 -2.91
N PHE A 301 14.56 16.28 -3.46
CA PHE A 301 13.34 15.48 -3.54
C PHE A 301 13.26 14.59 -2.30
N TYR A 302 12.21 14.74 -1.53
CA TYR A 302 11.95 13.89 -0.38
C TYR A 302 10.85 12.90 -0.76
N GLY A 303 11.23 11.62 -0.87
CA GLY A 303 10.30 10.58 -1.22
C GLY A 303 9.75 9.87 0.00
N VAL A 304 8.95 8.84 -0.25
CA VAL A 304 8.34 8.01 0.78
C VAL A 304 8.98 6.63 0.72
N GLU A 305 9.18 6.00 1.88
CA GLU A 305 9.77 4.68 1.92
C GLU A 305 9.08 3.73 0.95
N GLY A 306 9.85 2.88 0.30
CA GLY A 306 9.37 2.15 -0.86
C GLY A 306 8.19 1.25 -0.60
N GLN A 307 8.13 0.63 0.57
CA GLN A 307 7.06 -0.33 0.80
CA GLN A 307 7.14 -0.36 0.97
C GLN A 307 5.88 0.26 1.56
N ARG A 308 5.86 1.58 1.76
CA ARG A 308 4.70 2.22 2.38
C ARG A 308 3.55 2.25 1.38
N VAL A 309 2.35 1.89 1.83
CA VAL A 309 1.18 2.05 0.96
C VAL A 309 0.82 3.53 0.92
N LEU A 310 0.81 4.11 -0.27
CA LEU A 310 0.26 5.45 -0.44
C LEU A 310 -1.26 5.35 -0.53
N GLU A 311 -1.94 6.08 0.35
CA GLU A 311 -3.40 6.02 0.41
C GLU A 311 -3.90 7.23 1.18
N PRO A 312 -5.13 7.67 0.95
CA PRO A 312 -5.69 8.79 1.72
C PRO A 312 -5.64 8.48 3.20
N ALA A 313 -5.19 9.45 3.99
CA ALA A 313 -5.09 9.25 5.43
C ALA A 313 -6.45 8.86 6.02
N LEU A 314 -6.43 7.95 7.00
CA LEU A 314 -7.67 7.50 7.63
C LEU A 314 -8.44 8.66 8.26
N GLY A 315 -7.73 9.60 8.88
CA GLY A 315 -8.36 10.77 9.48
C GLY A 315 -9.09 11.68 8.51
N LEU A 316 -8.78 11.59 7.21
CA LEU A 316 -9.52 12.32 6.20
C LEU A 316 -10.73 11.56 5.67
N LEU A 317 -10.91 10.30 6.07
CA LEU A 317 -12.00 9.48 5.59
C LEU A 317 -13.06 9.24 6.66
N GLY A 318 -12.96 9.90 7.81
CA GLY A 318 -14.01 9.81 8.81
C GLY A 318 -15.33 10.32 8.30
N GLU A 319 -16.40 9.89 8.97
CA GLU A 319 -17.74 10.39 8.68
C GLU A 319 -18.16 10.10 7.24
N GLU A 320 -17.71 8.95 6.71
CA GLU A 320 -18.04 8.47 5.37
C GLU A 320 -17.51 9.37 4.26
N ARG A 321 -16.51 10.19 4.55
CA ARG A 321 -15.89 10.99 3.50
C ARG A 321 -15.23 10.06 2.48
N PRO A 322 -15.43 10.28 1.19
CA PRO A 322 -14.97 9.32 0.20
C PRO A 322 -13.49 9.47 -0.09
N ALA A 323 -12.83 8.34 -0.32
CA ALA A 323 -11.47 8.38 -0.85
C ALA A 323 -11.51 8.83 -2.29
N ARG A 324 -10.54 9.66 -2.67
CA ARG A 324 -10.44 10.16 -4.03
C ARG A 324 -9.25 9.57 -4.78
N TYR A 325 -8.46 8.72 -4.14
CA TYR A 325 -7.31 8.10 -4.77
C TYR A 325 -7.26 6.63 -4.37
N ARG A 326 -6.98 5.76 -5.34
CA ARG A 326 -6.70 4.36 -5.06
C ARG A 326 -5.37 4.24 -4.32
N LYS A 327 -5.23 3.17 -3.55
CA LYS A 327 -3.99 2.95 -2.80
C LYS A 327 -2.94 2.25 -3.67
N ILE A 328 -1.68 2.49 -3.33
CA ILE A 328 -0.58 1.98 -4.15
C ILE A 328 0.69 2.05 -3.34
N MET A 329 1.50 0.99 -3.39
CA MET A 329 2.79 1.05 -2.73
C MET A 329 3.66 2.13 -3.38
N ALA A 330 4.45 2.83 -2.55
CA ALA A 330 5.22 3.97 -3.05
C ALA A 330 6.20 3.56 -4.15
N SER A 331 6.87 2.42 -3.99
CA SER A 331 7.79 1.98 -5.05
C SER A 331 7.03 1.67 -6.34
N ASP A 332 5.81 1.14 -6.22
CA ASP A 332 4.97 0.90 -7.40
C ASP A 332 4.55 2.20 -8.07
N TYR A 333 4.33 3.25 -7.28
CA TYR A 333 3.95 4.52 -7.89
C TYR A 333 5.08 5.05 -8.76
N ILE A 334 6.31 4.99 -8.26
CA ILE A 334 7.45 5.47 -9.04
C ILE A 334 7.60 4.65 -10.31
N ILE A 335 7.42 3.33 -10.22
CA ILE A 335 7.48 2.48 -11.41
C ILE A 335 6.46 2.92 -12.45
N GLY A 336 5.20 3.11 -12.03
CA GLY A 336 4.20 3.57 -12.97
C GLY A 336 4.49 4.96 -13.51
N LEU A 337 5.15 5.79 -12.70
CA LEU A 337 5.47 7.15 -13.12
C LEU A 337 6.42 7.14 -14.30
N ARG A 338 7.40 6.25 -14.30
CA ARG A 338 8.39 6.17 -15.36
C ARG A 338 7.90 5.43 -16.61
N GLN A 339 6.60 5.20 -16.74
CA GLN A 339 6.05 4.57 -17.93
C GLN A 339 5.40 5.60 -18.83
N GLY A 340 5.37 5.30 -20.13
CA GLY A 340 4.82 6.20 -21.13
C GLY A 340 3.42 5.84 -21.57
N GLY A 344 0.64 11.82 -22.68
CA GLY A 344 -0.39 12.84 -22.60
C GLY A 344 -1.06 12.95 -21.24
N GLN A 345 -1.29 11.80 -20.58
CA GLN A 345 -1.98 11.75 -19.30
C GLN A 345 -0.99 11.41 -18.18
N ARG A 346 -1.04 12.20 -17.11
CA ARG A 346 -0.17 11.97 -15.97
C ARG A 346 -0.61 10.72 -15.21
N PHE A 347 0.36 10.02 -14.61
CA PHE A 347 0.07 8.72 -14.04
C PHE A 347 -0.95 8.81 -12.91
N ILE A 348 -0.89 9.89 -12.12
CA ILE A 348 -1.75 9.99 -10.94
C ILE A 348 -3.23 10.07 -11.33
N GLU A 349 -3.52 10.51 -12.56
CA GLU A 349 -4.90 10.51 -13.04
C GLU A 349 -5.48 9.10 -13.07
N THR A 350 -4.65 8.09 -13.30
CA THR A 350 -5.16 6.72 -13.32
C THR A 350 -5.57 6.24 -11.94
N LEU A 351 -5.16 6.94 -10.88
CA LEU A 351 -5.50 6.55 -9.52
C LEU A 351 -6.70 7.32 -8.96
N LYS A 352 -7.21 8.30 -9.69
CA LYS A 352 -8.30 9.11 -9.15
C LYS A 352 -9.62 8.35 -9.20
N ILE A 353 -10.43 8.51 -8.16
CA ILE A 353 -11.79 7.98 -8.10
C ILE A 353 -12.74 9.03 -7.50
N SER B 5 -20.33 0.85 28.46
CA SER B 5 -20.48 -0.59 28.67
C SER B 5 -21.05 -1.26 27.43
N TRP B 6 -20.29 -1.22 26.34
CA TRP B 6 -20.65 -1.93 25.12
C TRP B 6 -19.38 -2.39 24.44
N ARG B 7 -18.25 -1.81 24.84
CA ARG B 7 -16.94 -2.33 24.45
C ARG B 7 -16.57 -3.57 25.25
N VAL B 8 -17.31 -3.90 26.29
CA VAL B 8 -17.00 -5.02 27.17
C VAL B 8 -18.18 -6.00 27.17
N PRO B 9 -18.36 -6.79 26.12
CA PRO B 9 -19.60 -7.55 25.97
C PRO B 9 -19.61 -8.81 26.83
N THR B 10 -20.78 -9.09 27.40
CA THR B 10 -21.02 -10.39 28.02
C THR B 10 -20.96 -11.46 26.93
N PRO B 11 -20.37 -12.62 27.20
CA PRO B 11 -20.32 -13.67 26.17
C PRO B 11 -21.71 -14.07 25.71
N VAL B 12 -21.83 -14.35 24.41
CA VAL B 12 -23.13 -14.73 23.87
C VAL B 12 -23.62 -16.01 24.50
N GLN B 13 -22.69 -16.90 24.90
CA GLN B 13 -23.10 -18.13 25.56
C GLN B 13 -23.92 -17.84 26.82
N GLU B 14 -23.57 -16.77 27.53
CA GLU B 14 -24.34 -16.33 28.68
C GLU B 14 -25.62 -15.62 28.26
N LEU B 15 -25.53 -14.67 27.34
CA LEU B 15 -26.70 -13.94 26.88
C LEU B 15 -27.71 -14.83 26.17
N ALA B 16 -27.28 -15.95 25.60
CA ALA B 16 -28.19 -16.82 24.86
C ALA B 16 -29.02 -17.70 25.78
N ALA B 17 -28.60 -17.88 27.03
CA ALA B 17 -29.21 -18.84 27.94
C ALA B 17 -30.66 -18.50 28.22
N GLY B 18 -31.58 -19.36 27.76
CA GLY B 18 -32.99 -19.25 28.09
C GLY B 18 -33.76 -18.16 27.37
N VAL B 19 -33.21 -17.52 26.36
CA VAL B 19 -33.91 -16.38 25.76
C VAL B 19 -34.87 -16.87 24.69
N VAL B 20 -35.96 -16.12 24.52
CA VAL B 20 -36.92 -16.36 23.45
C VAL B 20 -36.84 -15.30 22.36
N GLU B 21 -36.14 -14.20 22.59
CA GLU B 21 -35.82 -13.24 21.55
C GLU B 21 -34.33 -12.96 21.62
N PRO B 22 -33.66 -12.78 20.49
CA PRO B 22 -32.28 -12.34 20.55
C PRO B 22 -32.21 -10.93 21.10
N PRO B 23 -31.29 -10.64 22.01
CA PRO B 23 -31.08 -9.26 22.43
C PRO B 23 -30.90 -8.36 21.21
N THR B 24 -31.30 -7.10 21.35
CA THR B 24 -31.39 -6.21 20.19
C THR B 24 -30.05 -6.04 19.49
N GLN B 25 -28.94 -6.12 20.22
CA GLN B 25 -27.66 -5.82 19.59
C GLN B 25 -27.21 -6.90 18.61
N PHE B 26 -27.93 -8.01 18.49
CA PHE B 26 -27.62 -9.02 17.48
C PHE B 26 -28.56 -8.98 16.28
N VAL B 27 -29.62 -8.18 16.32
CA VAL B 27 -30.66 -8.26 15.31
C VAL B 27 -30.24 -7.47 14.08
N LEU B 28 -30.20 -8.16 12.94
CA LEU B 28 -29.88 -7.56 11.66
C LEU B 28 -31.04 -6.72 11.13
N GLN B 29 -30.70 -5.70 10.36
CA GLN B 29 -31.72 -5.02 9.57
C GLN B 29 -32.34 -6.01 8.60
N GLU B 30 -33.62 -5.80 8.28
CA GLU B 30 -34.40 -6.80 7.58
C GLU B 30 -33.76 -7.23 6.26
N GLN B 31 -33.26 -6.27 5.47
CA GLN B 31 -32.65 -6.59 4.18
C GLN B 31 -31.28 -7.25 4.32
N ASP B 32 -30.73 -7.36 5.52
CA ASP B 32 -29.45 -8.03 5.74
C ASP B 32 -29.60 -9.43 6.32
N ARG B 33 -30.81 -9.83 6.70
CA ARG B 33 -31.00 -11.07 7.42
C ARG B 33 -30.75 -12.28 6.52
N PRO B 34 -30.38 -13.43 7.12
CA PRO B 34 -30.20 -14.65 6.31
C PRO B 34 -31.50 -15.13 5.67
N GLY B 35 -32.57 -14.35 5.76
CA GLY B 35 -33.74 -14.64 4.97
C GLY B 35 -34.15 -13.45 4.12
N SER B 36 -33.54 -12.29 4.39
CA SER B 36 -34.02 -10.99 3.90
C SER B 36 -35.45 -10.72 4.35
N GLY B 37 -35.81 -11.22 5.53
CA GLY B 37 -37.16 -11.17 6.03
C GLY B 37 -37.93 -12.48 5.94
N THR B 38 -37.29 -13.56 5.52
CA THR B 38 -37.93 -14.86 5.35
C THR B 38 -37.16 -15.90 6.17
N LEU B 39 -37.67 -17.14 6.13
CA LEU B 39 -37.10 -18.28 6.82
C LEU B 39 -36.33 -19.22 5.88
N LEU B 40 -36.07 -18.79 4.65
CA LEU B 40 -35.29 -19.56 3.69
C LEU B 40 -33.91 -18.91 3.59
N PHE B 41 -32.87 -19.63 4.02
CA PHE B 41 -31.57 -19.00 4.22
C PHE B 41 -30.61 -19.12 3.04
N ALA B 42 -30.72 -20.18 2.23
CA ALA B 42 -29.68 -20.45 1.25
C ALA B 42 -30.16 -21.52 0.29
N THR B 43 -29.50 -21.59 -0.85
CA THR B 43 -29.77 -22.61 -1.87
C THR B 43 -28.81 -23.78 -1.70
N ASP B 44 -29.31 -24.98 -2.00
CA ASP B 44 -28.43 -26.14 -2.05
C ASP B 44 -27.35 -25.94 -3.11
N MET B 45 -26.14 -26.36 -2.78
CA MET B 45 -25.04 -26.23 -3.72
C MET B 45 -25.22 -27.22 -4.87
N PRO B 46 -25.19 -26.76 -6.12
CA PRO B 46 -25.39 -27.68 -7.24
C PRO B 46 -24.21 -28.63 -7.41
N GLU B 47 -24.48 -29.72 -8.15
CA GLU B 47 -23.46 -30.67 -8.55
C GLU B 47 -22.55 -30.07 -9.62
N PRO B 48 -21.25 -30.39 -9.61
CA PRO B 48 -20.55 -31.27 -8.66
C PRO B 48 -20.17 -30.58 -7.35
N ILE B 49 -20.39 -31.27 -6.23
CA ILE B 49 -19.93 -30.76 -4.93
C ILE B 49 -18.41 -30.68 -4.94
N PRO B 50 -17.80 -29.57 -4.56
CA PRO B 50 -16.33 -29.47 -4.61
C PRO B 50 -15.68 -30.35 -3.56
N VAL B 51 -15.25 -31.55 -3.96
CA VAL B 51 -14.59 -32.50 -3.05
C VAL B 51 -13.27 -32.93 -3.67
N VAL B 52 -12.24 -33.07 -2.84
CA VAL B 52 -10.91 -33.45 -3.28
C VAL B 52 -10.37 -34.55 -2.38
N ASP B 53 -9.93 -35.66 -3.00
CA ASP B 53 -9.24 -36.75 -2.31
C ASP B 53 -7.77 -36.36 -2.17
N LEU B 54 -7.37 -35.95 -0.97
CA LEU B 54 -6.02 -35.41 -0.79
C LEU B 54 -4.95 -36.48 -0.99
N SER B 55 -5.24 -37.74 -0.68
CA SER B 55 -4.24 -38.78 -0.88
C SER B 55 -3.97 -39.04 -2.36
N ARG B 56 -4.87 -38.60 -3.25
CA ARG B 56 -4.73 -38.81 -4.69
C ARG B 56 -4.46 -37.52 -5.44
N LEU B 57 -4.09 -36.45 -4.75
CA LEU B 57 -4.02 -35.13 -5.35
C LEU B 57 -3.05 -35.04 -6.52
N ALA B 58 -2.12 -36.00 -6.63
CA ALA B 58 -1.16 -35.98 -7.72
C ALA B 58 -1.74 -36.51 -9.02
N ALA B 59 -2.75 -37.37 -8.95
CA ALA B 59 -3.42 -37.85 -10.15
C ALA B 59 -4.06 -36.68 -10.89
N ALA B 60 -4.08 -36.79 -12.22
CA ALA B 60 -4.48 -35.65 -13.03
C ALA B 60 -5.98 -35.37 -12.94
N ASP B 61 -6.80 -36.40 -12.74
CA ASP B 61 -8.23 -36.15 -12.61
C ASP B 61 -8.55 -35.53 -11.25
N GLU B 62 -7.79 -35.86 -10.21
CA GLU B 62 -7.98 -35.24 -8.91
C GLU B 62 -7.51 -33.79 -8.92
N ALA B 63 -6.41 -33.50 -9.62
CA ALA B 63 -5.96 -32.13 -9.78
C ALA B 63 -6.99 -31.29 -10.55
N SER B 64 -7.71 -31.92 -11.48
CA SER B 64 -8.75 -31.18 -12.20
C SER B 64 -9.93 -30.83 -11.30
N LYS B 65 -10.27 -31.71 -10.35
CA LYS B 65 -11.34 -31.38 -9.41
C LYS B 65 -10.93 -30.21 -8.52
N LEU B 66 -9.67 -30.18 -8.09
CA LEU B 66 -9.22 -29.09 -7.25
C LEU B 66 -9.27 -27.76 -7.99
N ARG B 67 -8.79 -27.75 -9.23
CA ARG B 67 -8.81 -26.52 -10.02
C ARG B 67 -10.23 -26.04 -10.25
N SER B 68 -11.14 -26.97 -10.60
CA SER B 68 -12.53 -26.58 -10.83
C SER B 68 -13.17 -26.07 -9.55
N ALA B 69 -12.86 -26.69 -8.41
CA ALA B 69 -13.39 -26.23 -7.13
C ALA B 69 -12.94 -24.81 -6.83
N LEU B 70 -11.64 -24.54 -6.99
CA LEU B 70 -11.13 -23.23 -6.65
C LEU B 70 -11.59 -22.17 -7.64
N GLU B 71 -11.76 -22.54 -8.91
CA GLU B 71 -12.34 -21.62 -9.88
C GLU B 71 -13.79 -21.31 -9.54
N THR B 72 -14.57 -22.34 -9.19
CA THR B 72 -16.02 -22.18 -9.04
C THR B 72 -16.36 -21.57 -7.70
N TRP B 73 -15.74 -22.07 -6.63
CA TRP B 73 -16.17 -21.79 -5.26
C TRP B 73 -15.11 -21.14 -4.39
N GLY B 74 -13.83 -21.26 -4.75
CA GLY B 74 -12.78 -20.81 -3.85
C GLY B 74 -12.61 -21.67 -2.62
N LEU B 75 -13.24 -22.84 -2.58
CA LEU B 75 -13.14 -23.76 -1.45
C LEU B 75 -13.44 -25.17 -1.94
N PHE B 76 -13.15 -26.15 -1.08
CA PHE B 76 -13.50 -27.53 -1.36
C PHE B 76 -13.40 -28.33 -0.08
N LEU B 77 -14.12 -29.44 -0.03
CA LEU B 77 -13.98 -30.41 1.05
C LEU B 77 -12.85 -31.36 0.69
N VAL B 78 -12.09 -31.80 1.68
CA VAL B 78 -11.04 -32.79 1.46
C VAL B 78 -11.39 -34.07 2.20
N THR B 79 -11.25 -35.19 1.51
CA THR B 79 -11.24 -36.51 2.12
C THR B 79 -9.81 -37.04 2.19
N LYS B 80 -9.64 -38.10 2.98
CA LYS B 80 -8.35 -38.80 3.11
C LYS B 80 -7.19 -37.84 3.30
N HIS B 81 -7.39 -36.91 4.22
CA HIS B 81 -6.49 -35.79 4.49
C HIS B 81 -5.41 -36.13 5.51
N GLY B 82 -5.39 -37.36 6.05
CA GLY B 82 -4.34 -37.78 6.95
C GLY B 82 -4.59 -37.53 8.43
N ILE B 83 -5.62 -36.78 8.79
CA ILE B 83 -5.86 -36.47 10.20
C ILE B 83 -6.81 -37.52 10.77
N GLU B 84 -6.34 -38.23 11.80
CA GLU B 84 -7.12 -39.28 12.41
C GLU B 84 -8.44 -38.75 12.95
N ALA B 85 -9.52 -39.51 12.74
CA ALA B 85 -10.80 -39.13 13.30
C ALA B 85 -10.71 -38.96 14.81
N SER B 86 -9.90 -39.78 15.49
CA SER B 86 -9.75 -39.65 16.92
C SER B 86 -9.16 -38.30 17.29
N LEU B 87 -8.21 -37.79 16.48
CA LEU B 87 -7.63 -36.49 16.77
C LEU B 87 -8.62 -35.37 16.51
N MET B 88 -9.34 -35.43 15.38
CA MET B 88 -10.37 -34.44 15.09
C MET B 88 -11.43 -34.40 16.20
N ASP B 89 -11.85 -35.57 16.67
CA ASP B 89 -12.81 -35.62 17.78
C ASP B 89 -12.23 -35.04 19.06
N ASP B 90 -10.98 -35.40 19.40
CA ASP B 90 -10.42 -34.99 20.68
C ASP B 90 -10.15 -33.50 20.74
N VAL B 91 -9.69 -32.89 19.64
CA VAL B 91 -9.42 -31.46 19.72
C VAL B 91 -10.74 -30.69 19.83
N MET B 92 -11.80 -31.20 19.21
CA MET B 92 -13.08 -30.52 19.36
C MET B 92 -13.74 -30.88 20.69
N ALA B 93 -13.38 -32.02 21.28
CA ALA B 93 -13.79 -32.30 22.65
C ALA B 93 -13.10 -31.34 23.62
N ALA B 94 -11.81 -31.06 23.41
CA ALA B 94 -11.11 -30.11 24.27
C ALA B 94 -11.72 -28.72 24.19
N SER B 95 -12.13 -28.32 22.97
CA SER B 95 -12.81 -27.04 22.80
C SER B 95 -14.13 -27.02 23.57
N ARG B 96 -14.94 -28.05 23.39
CA ARG B 96 -16.23 -28.13 24.06
C ARG B 96 -16.06 -28.07 25.58
N ASP B 97 -15.05 -28.78 26.10
CA ASP B 97 -14.79 -28.78 27.53
C ASP B 97 -14.43 -27.38 28.03
N PHE B 98 -13.66 -26.64 27.25
CA PHE B 98 -13.32 -25.28 27.65
C PHE B 98 -14.55 -24.39 27.67
N PHE B 99 -15.36 -24.42 26.60
CA PHE B 99 -16.51 -23.53 26.53
C PHE B 99 -17.55 -23.87 27.58
N TYR B 100 -17.61 -25.12 28.01
CA TYR B 100 -18.61 -25.50 29.01
C TYR B 100 -18.24 -25.06 30.42
N GLN B 101 -17.01 -24.59 30.63
CA GLN B 101 -16.57 -24.22 31.96
C GLN B 101 -17.27 -22.93 32.40
N PRO B 102 -17.35 -22.68 33.71
CA PRO B 102 -17.95 -21.45 34.21
C PRO B 102 -17.33 -20.20 33.59
N LEU B 103 -18.15 -19.16 33.47
CA LEU B 103 -17.69 -17.89 32.91
C LEU B 103 -16.39 -17.42 33.57
N GLU B 104 -16.31 -17.54 34.89
CA GLU B 104 -15.13 -17.04 35.61
C GLU B 104 -13.87 -17.77 35.15
N ALA B 105 -13.96 -19.09 34.96
CA ALA B 105 -12.79 -19.85 34.54
C ALA B 105 -12.34 -19.46 33.13
N LYS B 106 -13.29 -19.26 32.21
CA LYS B 106 -12.93 -18.88 30.84
C LYS B 106 -12.36 -17.47 30.79
N GLN B 107 -12.81 -16.57 31.65
CA GLN B 107 -12.33 -15.20 31.60
C GLN B 107 -10.88 -15.07 32.06
N GLU B 108 -10.29 -16.11 32.66
CA GLU B 108 -8.86 -16.10 32.93
C GLU B 108 -8.04 -16.04 31.64
N TYR B 109 -8.68 -16.28 30.50
CA TYR B 109 -8.05 -16.28 29.20
C TYR B 109 -8.60 -15.17 28.32
N SER B 110 -9.28 -14.20 28.93
CA SER B 110 -10.02 -13.17 28.20
C SER B 110 -9.12 -12.42 27.24
N ASN B 111 -9.64 -12.15 26.04
CA ASN B 111 -8.90 -11.37 25.06
C ASN B 111 -8.88 -9.88 25.37
N LEU B 112 -9.49 -9.44 26.48
CA LEU B 112 -9.29 -8.09 26.96
C LEU B 112 -8.00 -7.94 27.77
N ILE B 113 -7.44 -9.06 28.27
CA ILE B 113 -6.25 -8.99 29.10
C ILE B 113 -5.08 -8.45 28.29
N GLY B 114 -4.37 -7.49 28.87
CA GLY B 114 -3.15 -6.98 28.27
C GLY B 114 -3.32 -5.90 27.23
N GLY B 115 -4.56 -5.60 26.82
CA GLY B 115 -4.81 -4.52 25.89
C GLY B 115 -4.07 -4.67 24.57
N LYS B 116 -3.91 -5.90 24.10
CA LYS B 116 -3.09 -6.15 22.91
C LYS B 116 -3.84 -5.77 21.65
N ARG B 117 -3.08 -5.59 20.57
CA ARG B 117 -3.64 -5.10 19.32
C ARG B 117 -4.71 -6.05 18.79
N PHE B 118 -5.79 -5.46 18.28
CA PHE B 118 -6.94 -6.18 17.74
C PHE B 118 -7.60 -7.11 18.77
N GLN B 119 -7.12 -7.10 20.02
CA GLN B 119 -7.43 -8.11 21.04
C GLN B 119 -7.51 -9.51 20.43
N MET B 120 -6.51 -9.82 19.59
CA MET B 120 -6.56 -11.01 18.74
C MET B 120 -6.66 -12.29 19.58
N GLU B 121 -5.74 -12.46 20.53
CA GLU B 121 -5.58 -13.71 21.26
C GLU B 121 -6.49 -13.77 22.49
N GLY B 122 -7.06 -14.95 22.74
CA GLY B 122 -7.76 -15.24 23.99
C GLY B 122 -9.23 -15.52 23.76
N TYR B 123 -9.96 -15.62 24.87
CA TYR B 123 -11.37 -15.98 24.86
C TYR B 123 -12.23 -14.73 24.86
N GLY B 124 -13.24 -14.71 24.00
CA GLY B 124 -14.18 -13.61 24.02
C GLY B 124 -14.78 -13.36 22.68
N ASN B 125 -14.84 -12.10 22.28
CA ASN B 125 -15.53 -11.72 21.07
C ASN B 125 -14.68 -10.75 20.28
N ASP B 126 -15.07 -10.55 19.02
CA ASP B 126 -14.28 -9.68 18.18
C ASP B 126 -14.46 -8.23 18.63
N MET B 127 -13.58 -7.37 18.15
CA MET B 127 -13.51 -6.01 18.65
C MET B 127 -14.73 -5.22 18.20
N VAL B 128 -15.39 -4.58 19.16
CA VAL B 128 -16.62 -3.84 18.90
C VAL B 128 -16.26 -2.39 18.60
N LYS B 129 -16.49 -1.96 17.37
CA LYS B 129 -16.06 -0.63 16.94
C LYS B 129 -16.91 0.47 17.56
N SER B 130 -18.24 0.31 17.56
CA SER B 130 -19.14 1.33 18.08
C SER B 130 -20.34 0.67 18.73
N LYS B 131 -21.18 1.50 19.37
CA LYS B 131 -22.37 1.01 20.05
C LYS B 131 -23.49 0.66 19.08
N ASP B 132 -23.52 1.27 17.89
CA ASP B 132 -24.50 0.92 16.88
C ASP B 132 -24.19 -0.40 16.17
N GLN B 133 -23.13 -1.09 16.58
CA GLN B 133 -22.66 -2.25 15.83
C GLN B 133 -23.48 -3.48 16.17
N ILE B 134 -23.91 -4.19 15.12
CA ILE B 134 -24.59 -5.46 15.30
C ILE B 134 -23.55 -6.54 15.54
N LEU B 135 -23.77 -7.34 16.58
CA LEU B 135 -22.80 -8.34 17.00
C LEU B 135 -23.16 -9.70 16.42
N ASP B 136 -22.14 -10.54 16.26
CA ASP B 136 -22.34 -11.90 15.85
C ASP B 136 -22.75 -12.77 17.03
N TRP B 137 -23.47 -13.84 16.73
CA TRP B 137 -24.02 -14.76 17.73
C TRP B 137 -23.02 -15.90 17.97
N GLN B 138 -21.88 -15.52 18.53
CA GLN B 138 -20.80 -16.47 18.75
C GLN B 138 -19.87 -15.96 19.84
N ASP B 139 -19.14 -16.88 20.45
CA ASP B 139 -17.93 -16.55 21.18
C ASP B 139 -16.77 -17.24 20.47
N ARG B 140 -15.55 -16.78 20.75
CA ARG B 140 -14.41 -17.48 20.20
C ARG B 140 -13.26 -17.58 21.21
N LEU B 141 -12.42 -18.57 20.97
CA LEU B 141 -11.09 -18.67 21.56
C LEU B 141 -10.09 -18.70 20.41
N GLN B 142 -9.18 -17.72 20.38
CA GLN B 142 -8.31 -17.52 19.23
C GLN B 142 -6.85 -17.49 19.70
N LEU B 143 -6.02 -18.34 19.11
CA LEU B 143 -4.65 -18.53 19.61
C LEU B 143 -3.61 -18.55 18.49
N ARG B 144 -2.49 -17.86 18.72
CA ARG B 144 -1.38 -17.90 17.77
C ARG B 144 -0.61 -19.21 17.97
N VAL B 145 -0.59 -20.05 16.94
CA VAL B 145 0.09 -21.32 16.99
C VAL B 145 1.49 -21.23 16.39
N GLU B 146 1.65 -20.54 15.27
CA GLU B 146 2.95 -20.38 14.64
C GLU B 146 3.13 -18.92 14.23
N PRO B 147 4.40 -18.42 14.18
CA PRO B 147 5.61 -19.15 14.58
C PRO B 147 5.67 -19.47 16.07
N GLN B 148 6.22 -20.65 16.38
CA GLN B 148 6.18 -21.16 17.75
C GLN B 148 6.77 -20.17 18.75
N ASP B 149 7.81 -19.44 18.36
CA ASP B 149 8.45 -18.57 19.34
C ASP B 149 7.71 -17.26 19.55
N GLU B 150 6.59 -17.02 18.85
CA GLU B 150 5.73 -15.87 19.07
C GLU B 150 4.48 -16.22 19.88
N ARG B 151 4.27 -17.49 20.18
CA ARG B 151 3.11 -17.90 20.99
C ARG B 151 3.14 -17.21 22.35
N ASN B 152 1.95 -16.98 22.92
CA ASN B 152 1.84 -16.50 24.29
C ASN B 152 0.98 -17.51 25.02
N LEU B 153 1.64 -18.45 25.70
CA LEU B 153 0.96 -19.58 26.30
C LEU B 153 0.03 -19.18 27.44
N ALA B 154 0.10 -17.94 27.93
CA ALA B 154 -0.81 -17.51 28.97
C ALA B 154 -2.26 -17.55 28.52
N TYR B 155 -2.53 -17.44 27.23
CA TYR B 155 -3.90 -17.51 26.71
C TYR B 155 -4.38 -18.93 26.44
N TRP B 156 -3.48 -19.91 26.47
CA TRP B 156 -3.86 -21.28 26.14
C TRP B 156 -4.50 -21.95 27.36
N PRO B 157 -5.73 -22.46 27.25
CA PRO B 157 -6.38 -23.07 28.42
C PRO B 157 -5.55 -24.18 29.04
N LYS B 158 -5.44 -24.15 30.38
CA LYS B 158 -4.74 -25.20 31.09
C LYS B 158 -5.65 -26.36 31.49
N HIS B 159 -6.96 -26.24 31.28
CA HIS B 159 -7.92 -27.30 31.59
C HIS B 159 -8.92 -27.40 30.44
N PRO B 160 -9.12 -28.60 29.85
CA PRO B 160 -8.41 -29.84 30.19
C PRO B 160 -6.92 -29.77 29.91
N ASP B 161 -6.12 -30.50 30.68
CA ASP B 161 -4.67 -30.30 30.63
C ASP B 161 -4.06 -30.79 29.32
N SER B 162 -4.79 -31.54 28.51
CA SER B 162 -4.32 -32.01 27.22
C SER B 162 -4.65 -31.05 26.08
N PHE B 163 -5.24 -29.88 26.38
CA PHE B 163 -5.65 -28.95 25.34
C PHE B 163 -4.46 -28.50 24.48
N ARG B 164 -3.41 -27.97 25.13
CA ARG B 164 -2.23 -27.53 24.40
C ARG B 164 -1.68 -28.63 23.50
N ASP B 165 -1.47 -29.83 24.07
CA ASP B 165 -0.92 -30.94 23.31
C ASP B 165 -1.80 -31.28 22.11
N LEU B 166 -3.12 -31.36 22.33
CA LEU B 166 -4.03 -31.68 21.24
C LEU B 166 -3.96 -30.61 20.14
N LEU B 167 -3.98 -29.33 20.52
CA LEU B 167 -3.92 -28.28 19.50
C LEU B 167 -2.60 -28.34 18.74
N GLU B 168 -1.50 -28.60 19.43
CA GLU B 168 -0.23 -28.67 18.74
C GLU B 168 -0.19 -29.83 17.74
N LYS B 169 -0.71 -30.99 18.14
CA LYS B 169 -0.72 -32.15 17.25
C LYS B 169 -1.62 -31.91 16.05
N TYR B 170 -2.84 -31.42 16.31
CA TYR B 170 -3.78 -31.11 15.23
C TYR B 170 -3.19 -30.09 14.26
N ALA B 171 -2.57 -29.03 14.79
CA ALA B 171 -1.99 -28.00 13.93
C ALA B 171 -0.88 -28.55 13.07
N SER B 172 -0.08 -29.48 13.60
CA SER B 172 0.98 -30.05 12.79
C SER B 172 0.41 -30.84 11.63
N LYS B 173 -0.77 -31.43 11.81
CA LYS B 173 -1.39 -32.20 10.74
C LYS B 173 -2.14 -31.32 9.74
N THR B 174 -2.71 -30.19 10.18
CA THR B 174 -3.31 -29.28 9.20
C THR B 174 -2.24 -28.58 8.39
N LYS B 175 -1.05 -28.40 8.97
CA LYS B 175 0.04 -27.79 8.21
C LYS B 175 0.37 -28.64 6.98
N ILE B 176 0.28 -29.97 7.13
CA ILE B 176 0.54 -30.87 6.01
C ILE B 176 -0.52 -30.73 4.94
N VAL B 177 -1.80 -30.67 5.34
CA VAL B 177 -2.87 -30.38 4.39
C VAL B 177 -2.60 -29.06 3.67
N ARG B 178 -2.21 -28.02 4.42
CA ARG B 178 -1.87 -26.74 3.82
C ARG B 178 -0.82 -26.90 2.73
N ASN B 179 0.27 -27.60 3.05
CA ASN B 179 1.37 -27.71 2.10
C ASN B 179 0.95 -28.48 0.87
N LYS B 180 0.21 -29.58 1.05
CA LYS B 180 -0.21 -30.37 -0.10
C LYS B 180 -1.13 -29.56 -1.00
N VAL B 181 -2.03 -28.77 -0.42
CA VAL B 181 -2.92 -27.95 -1.23
C VAL B 181 -2.14 -26.85 -1.95
N LEU B 182 -1.20 -26.21 -1.24
CA LEU B 182 -0.44 -25.11 -1.86
C LEU B 182 0.45 -25.62 -2.98
N ARG B 183 1.05 -26.80 -2.79
CA ARG B 183 1.91 -27.38 -3.84
C ARG B 183 1.09 -27.73 -5.06
N ALA B 184 -0.14 -28.23 -4.86
CA ALA B 184 -1.01 -28.51 -6.00
C ALA B 184 -1.43 -27.23 -6.69
N MET B 185 -1.61 -26.14 -5.94
CA MET B 185 -1.97 -24.87 -6.55
C MET B 185 -0.81 -24.29 -7.34
N GLY B 186 0.39 -24.36 -6.79
CA GLY B 186 1.57 -23.96 -7.56
C GLY B 186 1.68 -24.76 -8.84
N LYS B 187 1.44 -26.06 -8.77
CA LYS B 187 1.53 -26.92 -9.94
C LYS B 187 0.51 -26.54 -11.01
N THR B 188 -0.76 -26.35 -10.62
CA THR B 188 -1.78 -26.12 -11.64
C THR B 188 -1.63 -24.74 -12.28
N LEU B 189 -1.10 -23.75 -11.54
CA LEU B 189 -0.85 -22.44 -12.12
C LEU B 189 0.48 -22.35 -12.86
N GLU B 190 1.19 -23.48 -13.01
CA GLU B 190 2.48 -23.53 -13.71
C GLU B 190 3.51 -22.59 -13.11
N LEU B 191 3.48 -22.47 -11.77
CA LEU B 191 4.40 -21.65 -11.02
C LEU B 191 5.45 -22.45 -10.27
N GLY B 192 5.36 -23.78 -10.28
CA GLY B 192 6.28 -24.62 -9.55
C GLY B 192 5.68 -25.00 -8.21
N GLU B 193 5.83 -26.26 -7.80
CA GLU B 193 5.14 -26.74 -6.61
C GLU B 193 5.54 -25.96 -5.36
N ASP B 194 6.76 -25.42 -5.30
CA ASP B 194 7.16 -24.72 -4.10
C ASP B 194 6.76 -23.25 -4.08
N TYR B 195 6.10 -22.74 -5.13
CA TYR B 195 5.96 -21.29 -5.27
C TYR B 195 5.27 -20.66 -4.05
N PHE B 196 4.07 -21.13 -3.69
CA PHE B 196 3.33 -20.45 -2.63
C PHE B 196 3.92 -20.76 -1.26
N ILE B 197 4.55 -21.92 -1.10
CA ILE B 197 5.23 -22.22 0.16
C ILE B 197 6.41 -21.28 0.38
N SER B 198 7.15 -20.97 -0.70
CA SER B 198 8.21 -19.97 -0.61
C SER B 198 7.64 -18.59 -0.27
N GLN B 199 6.47 -18.26 -0.84
CA GLN B 199 5.88 -16.95 -0.60
C GLN B 199 5.48 -16.78 0.86
N ILE B 200 4.77 -17.77 1.42
CA ILE B 200 4.30 -17.62 2.80
C ILE B 200 5.47 -17.52 3.77
N GLY B 201 6.53 -18.29 3.54
CA GLY B 201 7.74 -18.19 4.32
C GLY B 201 7.77 -19.12 5.51
N ASP B 202 8.96 -19.25 6.12
CA ASP B 202 9.05 -20.10 7.30
C ASP B 202 8.52 -19.45 8.57
N ARG B 203 8.48 -18.11 8.63
CA ARG B 203 7.82 -17.40 9.72
C ARG B 203 6.34 -17.19 9.45
N ALA B 204 5.78 -17.94 8.51
CA ALA B 204 4.37 -17.82 8.17
C ALA B 204 3.53 -18.02 9.42
N SER B 205 2.39 -17.33 9.47
CA SER B 205 1.52 -17.37 10.63
C SER B 205 0.58 -18.56 10.55
N ALA B 206 0.27 -19.09 11.72
CA ALA B 206 -0.87 -19.99 11.88
C ALA B 206 -1.61 -19.56 13.13
N ILE B 207 -2.90 -19.30 12.98
CA ILE B 207 -3.75 -18.89 14.08
C ILE B 207 -4.90 -19.88 14.16
N ALA B 208 -5.16 -20.39 15.37
CA ALA B 208 -6.30 -21.26 15.64
C ALA B 208 -7.47 -20.43 16.16
N ARG B 209 -8.63 -20.58 15.52
CA ARG B 209 -9.84 -19.92 15.99
C ARG B 209 -10.90 -20.97 16.31
N PHE B 210 -11.18 -21.15 17.60
CA PHE B 210 -12.26 -22.01 18.06
C PHE B 210 -13.53 -21.18 18.14
N ASN B 211 -14.52 -21.51 17.31
CA ASN B 211 -15.78 -20.78 17.30
C ASN B 211 -16.83 -21.56 18.05
N TYR B 212 -17.57 -20.87 18.91
CA TYR B 212 -18.68 -21.46 19.64
C TYR B 212 -19.94 -20.67 19.35
N TYR B 213 -20.92 -21.32 18.70
CA TYR B 213 -22.17 -20.67 18.32
C TYR B 213 -23.28 -21.24 19.18
N PRO B 214 -23.78 -20.50 20.16
CA PRO B 214 -24.89 -21.00 20.96
C PRO B 214 -26.15 -21.11 20.12
N PRO B 215 -27.10 -21.95 20.51
CA PRO B 215 -28.38 -21.93 19.82
C PRO B 215 -28.99 -20.54 19.90
N CYS B 216 -29.78 -20.20 18.88
CA CYS B 216 -30.45 -18.92 18.81
C CYS B 216 -31.94 -19.21 18.59
N PRO B 217 -32.85 -18.58 19.34
CA PRO B 217 -34.27 -18.88 19.14
C PRO B 217 -34.84 -18.33 17.85
N ARG B 218 -34.14 -17.41 17.20
CA ARG B 218 -34.60 -16.80 15.95
C ARG B 218 -33.42 -16.75 14.99
N PRO B 219 -33.07 -17.88 14.38
CA PRO B 219 -31.93 -17.88 13.45
C PRO B 219 -32.12 -16.98 12.24
N ASP B 220 -33.33 -16.53 11.96
CA ASP B 220 -33.56 -15.63 10.84
C ASP B 220 -33.14 -14.18 11.11
N LEU B 221 -32.81 -13.85 12.37
CA LEU B 221 -32.56 -12.46 12.77
C LEU B 221 -31.08 -12.10 12.93
N VAL B 222 -30.18 -13.09 12.95
CA VAL B 222 -28.79 -12.88 13.34
C VAL B 222 -27.89 -13.69 12.43
N PHE B 223 -26.58 -13.43 12.54
CA PHE B 223 -25.54 -14.29 11.99
C PHE B 223 -24.72 -14.90 13.12
N GLY B 224 -24.42 -16.19 12.99
CA GLY B 224 -23.41 -16.78 13.86
C GLY B 224 -22.05 -16.14 13.65
N ILE B 225 -21.62 -16.07 12.39
CA ILE B 225 -20.50 -15.23 12.01
C ILE B 225 -20.90 -14.55 10.71
N LYS B 226 -20.74 -13.24 10.68
CA LYS B 226 -21.23 -12.41 9.58
C LYS B 226 -20.46 -12.67 8.29
N PRO B 227 -21.04 -12.29 7.15
CA PRO B 227 -20.33 -12.46 5.88
C PRO B 227 -18.93 -11.86 5.91
N HIS B 228 -17.97 -12.64 5.45
CA HIS B 228 -16.58 -12.20 5.43
C HIS B 228 -15.79 -13.12 4.52
N SER B 229 -14.64 -12.64 4.06
CA SER B 229 -13.60 -13.52 3.54
C SER B 229 -12.46 -13.56 4.53
N ASP B 230 -11.74 -14.69 4.58
CA ASP B 230 -10.60 -14.79 5.47
C ASP B 230 -9.42 -14.02 4.86
N GLY B 231 -8.49 -13.58 5.72
CA GLY B 231 -7.48 -12.66 5.22
C GLY B 231 -6.17 -13.26 4.77
N GLY B 232 -5.88 -14.48 5.23
CA GLY B 232 -4.61 -15.13 4.96
C GLY B 232 -4.50 -15.75 3.59
N ALA B 233 -3.66 -16.78 3.49
CA ALA B 233 -3.48 -17.56 2.27
C ALA B 233 -4.49 -18.69 2.17
N VAL B 234 -4.62 -19.49 3.22
CA VAL B 234 -5.54 -20.61 3.15
C VAL B 234 -6.02 -20.89 4.56
N THR B 235 -7.27 -21.33 4.66
CA THR B 235 -7.90 -21.75 5.90
C THR B 235 -8.27 -23.23 5.83
N ILE B 236 -8.01 -23.94 6.92
CA ILE B 236 -8.41 -25.33 7.03
C ILE B 236 -9.40 -25.39 8.19
N LEU B 237 -10.62 -25.82 7.88
CA LEU B 237 -11.77 -25.70 8.77
C LEU B 237 -12.29 -27.08 9.18
N LEU B 238 -12.52 -27.26 10.48
CA LEU B 238 -13.11 -28.46 11.02
C LEU B 238 -14.40 -28.07 11.73
N VAL B 239 -15.50 -28.74 11.39
CA VAL B 239 -16.81 -28.47 11.98
C VAL B 239 -17.19 -29.69 12.81
N ASP B 240 -17.37 -29.50 14.10
CA ASP B 240 -17.60 -30.65 14.97
C ASP B 240 -18.95 -31.27 14.66
N LYS B 241 -18.94 -32.59 14.43
CA LYS B 241 -20.13 -33.39 14.14
C LYS B 241 -20.86 -32.90 12.90
N ASP B 242 -20.14 -32.18 12.01
CA ASP B 242 -20.65 -31.76 10.72
C ASP B 242 -21.97 -31.00 10.83
N VAL B 243 -22.14 -30.25 11.93
CA VAL B 243 -23.37 -29.50 12.15
C VAL B 243 -23.51 -28.42 11.09
N GLY B 244 -24.72 -28.29 10.56
CA GLY B 244 -24.96 -27.32 9.51
C GLY B 244 -24.84 -25.89 10.00
N GLY B 245 -24.62 -24.99 9.05
CA GLY B 245 -24.60 -23.57 9.36
C GLY B 245 -23.75 -22.75 8.41
N LEU B 246 -22.65 -23.32 7.89
CA LEU B 246 -21.74 -22.60 7.02
C LEU B 246 -22.35 -22.41 5.64
N GLN B 247 -22.27 -21.19 5.10
CA GLN B 247 -22.72 -20.91 3.75
C GLN B 247 -21.67 -20.10 3.00
N VAL B 248 -21.70 -20.20 1.69
CA VAL B 248 -20.73 -19.51 0.82
C VAL B 248 -21.52 -18.75 -0.24
N GLN B 249 -21.03 -17.57 -0.58
CA GLN B 249 -21.68 -16.70 -1.56
C GLN B 249 -21.01 -16.86 -2.91
N LYS B 250 -21.83 -16.91 -3.97
CA LYS B 250 -21.30 -16.94 -5.33
C LYS B 250 -22.26 -16.18 -6.23
N ASP B 251 -21.76 -15.12 -6.87
CA ASP B 251 -22.57 -14.24 -7.72
C ASP B 251 -23.82 -13.76 -6.98
N GLY B 252 -23.62 -13.29 -5.76
CA GLY B 252 -24.70 -12.74 -4.97
C GLY B 252 -25.66 -13.73 -4.36
N VAL B 253 -25.51 -15.02 -4.61
CA VAL B 253 -26.40 -16.03 -4.08
C VAL B 253 -25.69 -16.79 -2.95
N TRP B 254 -26.44 -17.14 -1.90
CA TRP B 254 -25.88 -17.86 -0.76
C TRP B 254 -26.22 -19.34 -0.86
N TYR B 255 -25.20 -20.19 -0.79
CA TYR B 255 -25.35 -21.65 -0.88
C TYR B 255 -24.91 -22.32 0.40
N THR B 256 -25.63 -23.37 0.79
CA THR B 256 -25.21 -24.21 1.90
C THR B 256 -23.94 -24.96 1.51
N VAL B 257 -22.90 -24.84 2.34
CA VAL B 257 -21.71 -25.67 2.16
C VAL B 257 -22.06 -27.05 2.69
N PRO B 258 -22.11 -28.07 1.84
CA PRO B 258 -22.51 -29.40 2.30
C PRO B 258 -21.46 -30.00 3.23
N SER B 259 -21.90 -30.99 3.98
CA SER B 259 -21.04 -31.70 4.91
C SER B 259 -20.80 -33.13 4.44
N MET B 260 -19.60 -33.63 4.71
CA MET B 260 -19.28 -35.04 4.63
C MET B 260 -18.58 -35.46 5.91
N PRO B 261 -18.90 -36.63 6.45
CA PRO B 261 -18.26 -37.04 7.72
C PRO B 261 -16.75 -37.19 7.57
N HIS B 262 -16.02 -36.76 8.59
CA HIS B 262 -14.59 -36.98 8.71
C HIS B 262 -13.82 -36.21 7.64
N THR B 263 -14.38 -35.11 7.16
CA THR B 263 -13.73 -34.28 6.18
C THR B 263 -13.32 -32.95 6.79
N LEU B 264 -12.46 -32.24 6.07
CA LEU B 264 -12.07 -30.88 6.39
C LEU B 264 -12.53 -29.98 5.25
N LEU B 265 -12.66 -28.69 5.54
CA LEU B 265 -12.94 -27.70 4.51
C LEU B 265 -11.72 -26.80 4.32
N VAL B 266 -11.35 -26.60 3.07
CA VAL B 266 -10.22 -25.74 2.71
C VAL B 266 -10.79 -24.58 1.91
N ASN B 267 -10.56 -23.35 2.37
CA ASN B 267 -10.94 -22.19 1.57
C ASN B 267 -9.75 -21.25 1.42
N LEU B 268 -9.74 -20.50 0.32
CA LEU B 268 -8.67 -19.55 0.10
C LEU B 268 -8.96 -18.27 0.88
N GLY B 269 -7.90 -17.51 1.16
CA GLY B 269 -8.01 -16.22 1.79
C GLY B 269 -7.56 -15.11 0.85
N ASP B 270 -7.74 -13.86 1.33
CA ASP B 270 -7.51 -12.69 0.46
C ASP B 270 -6.06 -12.62 0.01
N SER B 271 -5.12 -13.00 0.88
CA SER B 271 -3.71 -12.89 0.50
C SER B 271 -3.39 -13.78 -0.68
N MET B 272 -4.01 -14.96 -0.72
CA MET B 272 -3.90 -15.85 -1.88
C MET B 272 -4.56 -15.25 -3.12
N GLU B 273 -5.71 -14.58 -2.96
CA GLU B 273 -6.33 -13.93 -4.12
C GLU B 273 -5.36 -12.98 -4.81
N ILE B 274 -4.67 -12.14 -4.02
CA ILE B 274 -3.65 -11.27 -4.62
C ILE B 274 -2.55 -12.10 -5.28
N MET B 275 -1.95 -13.03 -4.53
CA MET B 275 -0.77 -13.73 -5.05
C MET B 275 -1.07 -14.48 -6.34
N ASN B 276 -2.29 -14.97 -6.52
CA ASN B 276 -2.56 -15.71 -7.74
C ASN B 276 -3.32 -14.86 -8.75
N ASN B 277 -3.30 -13.53 -8.59
CA ASN B 277 -3.82 -12.57 -9.55
C ASN B 277 -5.32 -12.79 -9.82
N GLY B 278 -6.05 -13.28 -8.82
CA GLY B 278 -7.48 -13.42 -8.95
C GLY B 278 -7.94 -14.58 -9.80
N ILE B 279 -7.04 -15.43 -10.29
CA ILE B 279 -7.48 -16.62 -11.03
C ILE B 279 -8.43 -17.44 -10.17
N PHE B 280 -8.04 -17.70 -8.93
CA PHE B 280 -8.94 -18.21 -7.90
C PHE B 280 -9.21 -17.08 -6.91
N LYS B 281 -10.44 -17.04 -6.37
CA LYS B 281 -10.81 -15.91 -5.52
C LYS B 281 -11.04 -16.38 -4.09
N SER B 282 -10.94 -15.43 -3.16
CA SER B 282 -11.19 -15.68 -1.75
C SER B 282 -12.70 -15.66 -1.50
N PRO B 283 -13.30 -16.78 -1.09
CA PRO B 283 -14.77 -16.81 -1.02
C PRO B 283 -15.33 -16.12 0.22
N VAL B 284 -16.41 -15.39 0.01
CA VAL B 284 -17.16 -14.77 1.09
C VAL B 284 -18.08 -15.81 1.70
N HIS B 285 -18.06 -15.94 3.03
CA HIS B 285 -18.78 -17.01 3.70
C HIS B 285 -19.33 -16.51 5.04
N ARG B 286 -20.31 -17.25 5.57
CA ARG B 286 -20.99 -16.84 6.79
C ARG B 286 -21.50 -18.10 7.50
N VAL B 287 -21.88 -17.93 8.76
CA VAL B 287 -22.54 -19.01 9.51
C VAL B 287 -23.89 -18.54 10.02
N VAL B 288 -24.91 -19.34 9.76
CA VAL B 288 -26.25 -19.13 10.33
C VAL B 288 -26.42 -20.07 11.51
N THR B 289 -27.03 -19.55 12.57
CA THR B 289 -27.31 -20.34 13.76
C THR B 289 -28.50 -21.26 13.55
N ASN B 290 -28.87 -21.99 14.61
CA ASN B 290 -30.07 -22.80 14.60
C ASN B 290 -30.65 -22.79 16.00
N ALA B 291 -31.90 -23.21 16.10
CA ALA B 291 -32.62 -23.11 17.35
C ALA B 291 -32.37 -24.27 18.30
N GLU B 292 -31.84 -25.39 17.79
CA GLU B 292 -31.78 -26.62 18.55
C GLU B 292 -30.46 -26.85 19.26
N LYS B 293 -29.33 -26.52 18.66
CA LYS B 293 -28.11 -26.90 19.34
C LYS B 293 -26.98 -25.95 19.01
N GLU B 294 -26.01 -25.91 19.94
CA GLU B 294 -24.75 -25.21 19.72
C GLU B 294 -24.00 -25.81 18.53
N ARG B 295 -23.12 -24.99 17.96
CA ARG B 295 -22.28 -25.41 16.85
C ARG B 295 -20.84 -25.01 17.19
N LEU B 296 -19.90 -25.93 16.96
CA LEU B 296 -18.48 -25.67 17.21
C LEU B 296 -17.65 -25.92 15.96
N SER B 297 -16.73 -25.01 15.70
CA SER B 297 -15.80 -25.19 14.59
C SER B 297 -14.42 -24.75 15.02
N LEU B 298 -13.43 -25.25 14.29
CA LEU B 298 -12.05 -24.83 14.49
C LEU B 298 -11.47 -24.46 13.14
N ALA B 299 -11.11 -23.20 12.98
CA ALA B 299 -10.47 -22.69 11.78
C ALA B 299 -8.98 -22.48 12.04
N MET B 300 -8.15 -23.08 11.20
CA MET B 300 -6.72 -22.85 11.19
C MET B 300 -6.43 -21.88 10.05
N PHE B 301 -6.08 -20.64 10.41
CA PHE B 301 -5.76 -19.60 9.44
C PHE B 301 -4.26 -19.66 9.17
N TYR B 302 -3.88 -19.83 7.90
CA TYR B 302 -2.47 -19.83 7.53
C TYR B 302 -2.21 -18.59 6.70
N GLY B 303 -1.38 -17.69 7.24
CA GLY B 303 -1.07 -16.43 6.58
C GLY B 303 0.33 -16.43 6.02
N VAL B 304 0.63 -15.36 5.30
CA VAL B 304 1.94 -15.10 4.75
C VAL B 304 2.78 -14.33 5.77
N GLU B 305 4.10 -14.56 5.79
CA GLU B 305 5.00 -13.76 6.63
C GLU B 305 4.74 -12.27 6.47
N GLY B 306 4.75 -11.57 7.61
CA GLY B 306 4.31 -10.17 7.63
C GLY B 306 5.06 -9.29 6.66
N GLN B 307 6.35 -9.51 6.50
CA GLN B 307 7.15 -8.62 5.66
C GLN B 307 7.16 -9.03 4.19
N ARG B 308 6.49 -10.12 3.81
CA ARG B 308 6.43 -10.48 2.39
C ARG B 308 5.48 -9.55 1.65
N VAL B 309 5.93 -9.04 0.51
CA VAL B 309 5.07 -8.25 -0.38
C VAL B 309 4.13 -9.20 -1.11
N LEU B 310 2.83 -9.09 -0.83
CA LEU B 310 1.83 -9.79 -1.64
C LEU B 310 1.73 -9.13 -3.01
N GLU B 311 1.85 -9.93 -4.06
CA GLU B 311 1.79 -9.39 -5.41
C GLU B 311 1.41 -10.51 -6.35
N PRO B 312 0.80 -10.20 -7.49
CA PRO B 312 0.53 -11.23 -8.50
C PRO B 312 1.80 -11.94 -8.93
N ALA B 313 1.76 -13.26 -8.92
CA ALA B 313 2.91 -14.06 -9.32
C ALA B 313 3.35 -13.65 -10.73
N LEU B 314 4.64 -13.37 -10.87
CA LEU B 314 5.16 -12.89 -12.15
C LEU B 314 4.84 -13.86 -13.28
N GLY B 315 4.90 -15.16 -13.01
CA GLY B 315 4.59 -16.20 -13.99
C GLY B 315 3.14 -16.24 -14.44
N LEU B 316 2.25 -15.48 -13.81
CA LEU B 316 0.87 -15.35 -14.25
C LEU B 316 0.64 -14.13 -15.14
N LEU B 317 1.68 -13.34 -15.41
CA LEU B 317 1.51 -12.05 -16.07
C LEU B 317 2.09 -12.11 -17.47
N GLY B 318 1.60 -11.19 -18.30
CA GLY B 318 2.04 -11.10 -19.69
C GLY B 318 1.30 -9.99 -20.40
N GLU B 319 1.62 -9.85 -21.69
CA GLU B 319 1.06 -8.73 -22.47
C GLU B 319 -0.47 -8.75 -22.46
N GLU B 320 -1.06 -9.94 -22.48
CA GLU B 320 -2.51 -10.09 -22.45
C GLU B 320 -3.02 -10.55 -21.08
N ARG B 321 -2.14 -10.65 -20.08
CA ARG B 321 -2.50 -11.07 -18.74
C ARG B 321 -2.03 -10.01 -17.76
N PRO B 322 -2.75 -8.90 -17.64
CA PRO B 322 -2.29 -7.81 -16.77
C PRO B 322 -2.40 -8.18 -15.29
N ALA B 323 -1.59 -7.50 -14.48
CA ALA B 323 -1.79 -7.55 -13.04
C ALA B 323 -3.16 -6.98 -12.70
N ARG B 324 -3.92 -7.72 -11.90
CA ARG B 324 -5.27 -7.33 -11.51
C ARG B 324 -5.33 -6.78 -10.09
N TYR B 325 -4.21 -6.81 -9.35
CA TYR B 325 -4.11 -6.40 -7.96
C TYR B 325 -2.82 -5.65 -7.73
N ARG B 326 -2.89 -4.61 -6.90
CA ARG B 326 -1.71 -3.88 -6.47
C ARG B 326 -0.94 -4.68 -5.42
N LYS B 327 0.34 -4.38 -5.29
CA LYS B 327 1.17 -5.01 -4.27
C LYS B 327 0.97 -4.36 -2.90
N ILE B 328 1.16 -5.16 -1.86
CA ILE B 328 0.99 -4.67 -0.48
C ILE B 328 1.66 -5.68 0.46
N MET B 329 2.35 -5.16 1.47
CA MET B 329 3.01 -6.02 2.44
C MET B 329 1.94 -6.79 3.19
N ALA B 330 2.20 -8.07 3.48
CA ALA B 330 1.19 -8.89 4.12
C ALA B 330 0.74 -8.29 5.44
N SER B 331 1.67 -7.70 6.21
CA SER B 331 1.29 -7.10 7.49
C SER B 331 0.37 -5.91 7.28
N ASP B 332 0.65 -5.07 6.27
CA ASP B 332 -0.26 -3.97 6.00
C ASP B 332 -1.60 -4.44 5.50
N TYR B 333 -1.65 -5.56 4.78
CA TYR B 333 -2.94 -6.08 4.37
C TYR B 333 -3.79 -6.44 5.58
N ILE B 334 -3.19 -7.09 6.58
CA ILE B 334 -3.94 -7.48 7.78
C ILE B 334 -4.39 -6.25 8.56
N ILE B 335 -3.49 -5.28 8.75
CA ILE B 335 -3.86 -4.02 9.40
C ILE B 335 -5.04 -3.38 8.68
N GLY B 336 -4.93 -3.24 7.36
CA GLY B 336 -6.00 -2.58 6.61
C GLY B 336 -7.32 -3.33 6.71
N LEU B 337 -7.26 -4.67 6.60
CA LEU B 337 -8.46 -5.50 6.70
C LEU B 337 -9.20 -5.26 7.99
N ARG B 338 -8.47 -4.99 9.07
CA ARG B 338 -9.05 -4.78 10.38
C ARG B 338 -9.51 -3.34 10.62
N GLN B 339 -9.34 -2.45 9.65
CA GLN B 339 -9.95 -1.14 9.74
C GLN B 339 -11.44 -1.22 9.43
N GLY B 340 -12.18 -0.21 9.90
CA GLY B 340 -13.59 -0.14 9.57
C GLY B 340 -13.81 0.08 8.09
N ILE B 341 -14.93 -0.42 7.58
CA ILE B 341 -15.22 -0.33 6.16
C ILE B 341 -16.71 -0.08 5.96
N ALA B 342 -17.03 0.62 4.88
CA ALA B 342 -18.41 1.00 4.61
C ALA B 342 -19.26 -0.25 4.40
N GLU B 343 -20.52 -0.15 4.85
CA GLU B 343 -21.47 -1.25 4.71
C GLU B 343 -21.49 -1.79 3.28
N GLY B 344 -21.39 -3.11 3.17
CA GLY B 344 -21.42 -3.78 1.89
C GLY B 344 -20.09 -3.85 1.16
N GLN B 345 -19.08 -3.11 1.58
CA GLN B 345 -17.83 -3.08 0.84
C GLN B 345 -16.87 -4.13 1.35
N ARG B 346 -15.89 -4.47 0.51
CA ARG B 346 -14.89 -5.48 0.83
C ARG B 346 -13.51 -4.86 0.69
N PHE B 347 -12.63 -5.15 1.66
CA PHE B 347 -11.31 -4.53 1.65
C PHE B 347 -10.48 -4.96 0.45
N ILE B 348 -10.64 -6.21 0.00
CA ILE B 348 -9.81 -6.67 -1.11
C ILE B 348 -10.11 -5.91 -2.39
N GLU B 349 -11.36 -5.44 -2.53
CA GLU B 349 -11.71 -4.64 -3.71
C GLU B 349 -10.87 -3.38 -3.80
N THR B 350 -10.38 -2.86 -2.66
CA THR B 350 -9.56 -1.65 -2.66
C THR B 350 -8.16 -1.89 -3.18
N LEU B 351 -7.78 -3.15 -3.42
CA LEU B 351 -6.49 -3.44 -4.02
C LEU B 351 -6.60 -3.83 -5.47
N LYS B 352 -7.80 -3.90 -6.02
CA LYS B 352 -7.96 -4.32 -7.41
C LYS B 352 -7.56 -3.21 -8.36
N ILE B 353 -7.06 -3.62 -9.51
CA ILE B 353 -6.74 -2.66 -10.57
C ILE B 353 -7.86 -2.71 -11.60
CO CO C . 10.17 19.30 -10.65
C1 AKG D . 13.00 19.30 -11.03
O1 AKG D . 14.24 19.06 -11.07
O2 AKG D . 12.20 18.37 -10.80
C2 AKG D . 12.49 20.71 -11.30
O5 AKG D . 11.34 20.91 -11.54
C3 AKG D . 13.50 21.87 -11.28
C4 AKG D . 12.85 23.23 -11.53
C5 AKG D . 13.85 24.39 -11.58
O3 AKG D . 14.99 24.20 -12.12
O4 AKG D . 13.54 25.52 -11.09
CO CO E . -13.95 -17.34 7.90
C1 AKG F . -13.98 -18.14 10.63
O1 AKG F . -13.28 -17.32 9.96
O2 AKG F . -13.77 -18.42 11.84
C2 AKG F . -15.11 -18.86 9.92
O5 AKG F . -15.43 -18.48 8.85
C3 AKG F . -15.79 -20.04 10.61
C4 AKG F . -16.77 -20.78 9.71
C5 AKG F . -17.51 -21.91 10.43
O3 AKG F . -17.92 -22.93 9.79
O4 AKG F . -17.69 -21.84 11.68
C10 92X G . -1.29 -11.20 12.23
C13 92X G . -1.63 -12.92 10.55
C15 92X G . -3.58 -11.90 11.58
C17 92X G . -3.28 -10.06 13.38
C21 92X G . -7.20 -12.53 11.00
C22 92X G . -5.21 -13.49 10.02
C26 92X G . -7.95 -11.70 10.19
C28 92X G . -9.95 -12.42 11.34
C1 92X G . 0.00 -6.89 11.18
C2 92X G . 0.61 -6.09 12.34
C3 92X G . 0.17 -6.57 13.74
C4 92X G . 0.44 -8.06 13.90
C5 92X G . -0.44 -8.84 12.90
C6 92X G . -0.48 -8.34 11.44
O7 92X G . 0.20 -9.23 10.58
C8 92X G . -0.21 -10.39 12.99
O9 92X G . 0.08 -8.45 15.21
O11 92X G . -0.12 -10.79 14.32
C12 92X G . -0.79 -12.13 11.31
C14 92X G . -3.05 -12.79 10.69
C16 92X G . -2.69 -11.06 12.38
C18 92X G . -5.01 -11.83 11.65
N19 92X G . -5.75 -12.61 10.88
O20 92X G . -5.73 -10.97 12.48
O23 92X G . -5.90 -14.20 9.36
N24 92X G . -3.88 -13.58 9.93
C25 92X G . -3.31 -14.54 8.99
C27 92X G . -9.33 -11.65 10.37
C29 92X G . -9.20 -13.25 12.17
C30 92X G . -7.82 -13.29 12.00
C31 92X G . -6.95 -14.18 12.87
#